data_6IOG
#
_entry.id   6IOG
#
_cell.length_a   58.357
_cell.length_b   96.246
_cell.length_c   140.351
_cell.angle_alpha   90.000
_cell.angle_beta   90.000
_cell.angle_gamma   90.000
#
_symmetry.space_group_name_H-M   'P 21 21 21'
#
loop_
_entity.id
_entity.type
_entity.pdbx_description
1 polymer 'Homoserine O-acetyltransferase'
2 non-polymer GLYCEROL
3 water water
#
_entity_poly.entity_id   1
_entity_poly.type   'polypeptide(L)'
_entity_poly.pdbx_seq_one_letter_code
;ATVPLPAEGEIGLVHIGALTLENGTVLPDVTIAVQRWGELAPDRGNVVMVLHALTGDSHVTGPAGDGHPTAGWWDGVAGP
GAPIDTDHWCAIATNVLGGCRGSTGPGSLAPDGKPWGSRFPQITIRDQVAADRAALAALGITEVAAVVGGSMGGARALEW
LVTHPDDVRAGLVLAVGARATADQIGTQSTQVAAIKADPDWQGGDYHGTGRAPTEGMEIARRFAHLTYRGEEELDDRFAN
TPQDDEDPLTGGRYAVQSYLEYQGGKLARRFDPGTYVVLSDALSSHDVGRGRGGVEAALRSCPVPVVVGGITSDRLYPIR
LQQELAELLPGCQGLDVVDSIYGHDGFLVETELVGKLIRRTLELAQRLEHHHHH
;
_entity_poly.pdbx_strand_id   A,B
#
loop_
_chem_comp.id
_chem_comp.type
_chem_comp.name
_chem_comp.formula
GOL non-polymer GLYCEROL 'C3 H8 O3'
#
# COMPACT_ATOMS: atom_id res chain seq x y z
N ALA A 1 19.85 -47.14 -2.64
CA ALA A 1 20.47 -46.03 -1.91
C ALA A 1 19.52 -44.81 -1.91
N THR A 2 19.82 -43.88 -1.03
CA THR A 2 19.14 -42.56 -1.01
C THR A 2 19.48 -41.78 -2.28
N VAL A 3 18.65 -40.76 -2.55
CA VAL A 3 18.91 -39.72 -3.58
C VAL A 3 20.16 -39.00 -3.11
N PRO A 4 21.17 -38.88 -3.99
CA PRO A 4 22.39 -38.20 -3.60
C PRO A 4 22.19 -36.68 -3.52
N LEU A 5 22.87 -36.05 -2.58
CA LEU A 5 22.93 -34.57 -2.53
C LEU A 5 23.61 -34.09 -3.80
N PRO A 6 23.18 -32.94 -4.36
CA PRO A 6 23.84 -32.33 -5.50
C PRO A 6 25.23 -31.86 -5.05
N ALA A 7 26.16 -31.77 -6.01
CA ALA A 7 27.48 -31.14 -5.77
C ALA A 7 27.25 -29.71 -5.28
N GLU A 8 28.13 -29.21 -4.42
CA GLU A 8 28.03 -27.85 -3.83
C GLU A 8 27.71 -26.84 -4.94
N GLY A 9 26.62 -26.09 -4.78
CA GLY A 9 26.26 -25.00 -5.72
C GLY A 9 25.40 -25.43 -6.90
N GLU A 10 25.34 -26.72 -7.26
CA GLU A 10 24.49 -27.29 -8.34
C GLU A 10 23.07 -27.54 -7.81
N ILE A 11 22.08 -27.54 -8.68
CA ILE A 11 20.68 -27.88 -8.34
C ILE A 11 20.50 -29.40 -8.47
N GLY A 12 19.96 -30.03 -7.45
CA GLY A 12 19.45 -31.42 -7.51
C GLY A 12 17.94 -31.41 -7.58
N LEU A 13 17.37 -32.26 -8.41
CA LEU A 13 15.90 -32.38 -8.55
C LEU A 13 15.49 -33.65 -7.83
N VAL A 14 14.80 -33.51 -6.72
CA VAL A 14 14.36 -34.61 -5.83
C VAL A 14 12.89 -34.92 -6.11
N HIS A 15 12.62 -36.10 -6.66
CA HIS A 15 11.25 -36.54 -7.00
C HIS A 15 10.66 -37.18 -5.76
N ILE A 16 9.59 -36.62 -5.19
CA ILE A 16 9.04 -37.13 -3.91
C ILE A 16 7.76 -37.93 -4.15
N GLY A 17 7.30 -38.04 -5.40
CA GLY A 17 5.99 -38.67 -5.70
C GLY A 17 4.82 -37.82 -5.27
N ALA A 18 3.68 -38.44 -5.00
CA ALA A 18 2.41 -37.73 -4.79
C ALA A 18 2.47 -37.06 -3.44
N LEU A 19 1.86 -35.88 -3.32
CA LEU A 19 1.69 -35.19 -2.02
C LEU A 19 0.23 -34.95 -1.73
N THR A 20 -0.27 -35.53 -0.63
CA THR A 20 -1.62 -35.19 -0.10
C THR A 20 -1.49 -33.85 0.59
N LEU A 21 -2.20 -32.87 0.07
CA LEU A 21 -2.18 -31.49 0.59
C LEU A 21 -3.22 -31.34 1.71
N GLU A 22 -3.06 -30.26 2.46
CA GLU A 22 -3.88 -29.98 3.65
C GLU A 22 -5.36 -29.90 3.29
N ASN A 23 -5.71 -29.42 2.09
CA ASN A 23 -7.13 -29.25 1.68
C ASN A 23 -7.67 -30.60 1.14
N GLY A 24 -6.88 -31.69 1.19
CA GLY A 24 -7.29 -33.06 0.80
C GLY A 24 -6.93 -33.42 -0.64
N THR A 25 -6.69 -32.44 -1.50
CA THR A 25 -6.27 -32.68 -2.91
C THR A 25 -4.94 -33.46 -2.91
N VAL A 26 -4.82 -34.46 -3.78
CA VAL A 26 -3.54 -35.20 -3.91
C VAL A 26 -2.83 -34.61 -5.13
N LEU A 27 -1.66 -34.00 -4.93
CA LEU A 27 -0.85 -33.45 -6.03
C LEU A 27 0.15 -34.51 -6.47
N PRO A 28 0.03 -35.07 -7.69
CA PRO A 28 0.89 -36.18 -8.07
C PRO A 28 2.28 -35.72 -8.51
N ASP A 29 3.26 -36.60 -8.40
CA ASP A 29 4.55 -36.48 -9.13
C ASP A 29 5.19 -35.12 -8.84
N VAL A 30 5.43 -34.84 -7.57
CA VAL A 30 6.06 -33.54 -7.17
C VAL A 30 7.58 -33.67 -7.26
N THR A 31 8.24 -32.63 -7.79
CA THR A 31 9.70 -32.49 -7.80
C THR A 31 10.11 -31.25 -6.98
N ILE A 32 11.06 -31.44 -6.08
CA ILE A 32 11.58 -30.30 -5.28
C ILE A 32 13.05 -30.07 -5.64
N ALA A 33 13.39 -28.86 -6.07
CA ALA A 33 14.75 -28.44 -6.45
C ALA A 33 15.50 -28.12 -5.16
N VAL A 34 16.72 -28.62 -5.04
CA VAL A 34 17.54 -28.48 -3.81
C VAL A 34 18.93 -27.96 -4.17
N GLN A 35 19.48 -27.08 -3.34
CA GLN A 35 20.92 -26.71 -3.40
C GLN A 35 21.46 -26.86 -1.99
N ARG A 36 22.76 -27.12 -1.86
CA ARG A 36 23.37 -27.28 -0.53
C ARG A 36 24.78 -26.72 -0.57
N TRP A 37 25.25 -26.37 0.61
CA TRP A 37 26.64 -25.88 0.82
C TRP A 37 27.15 -26.54 2.08
N GLY A 38 28.35 -27.11 1.99
CA GLY A 38 28.96 -27.81 3.13
C GLY A 38 28.66 -29.29 3.07
N GLU A 39 29.51 -30.06 3.74
CA GLU A 39 29.41 -31.53 3.78
C GLU A 39 28.28 -31.90 4.75
N LEU A 40 27.50 -32.91 4.38
CA LEU A 40 26.60 -33.60 5.33
C LEU A 40 27.46 -34.41 6.31
N ALA A 41 27.24 -34.28 7.62
CA ALA A 41 28.04 -35.00 8.63
C ALA A 41 27.74 -36.49 8.47
N PRO A 42 28.68 -37.36 8.89
CA PRO A 42 28.41 -38.80 8.87
C PRO A 42 27.09 -39.18 9.54
N ASP A 43 26.71 -38.51 10.64
CA ASP A 43 25.45 -38.83 11.36
C ASP A 43 24.21 -38.13 10.75
N ARG A 44 24.40 -37.36 9.70
CA ARG A 44 23.32 -36.60 8.99
C ARG A 44 22.68 -35.58 9.94
N GLY A 45 23.39 -35.12 10.96
CA GLY A 45 22.81 -34.35 12.08
C GLY A 45 23.07 -32.84 11.97
N ASN A 46 23.70 -32.38 10.91
CA ASN A 46 24.24 -30.99 10.84
C ASN A 46 23.49 -30.19 9.76
N VAL A 47 22.25 -30.52 9.43
CA VAL A 47 21.57 -29.78 8.34
C VAL A 47 20.96 -28.48 8.88
N VAL A 48 21.17 -27.39 8.15
CA VAL A 48 20.52 -26.08 8.44
C VAL A 48 19.67 -25.78 7.22
N MET A 49 18.37 -25.80 7.39
CA MET A 49 17.39 -25.62 6.30
C MET A 49 17.16 -24.11 6.12
N VAL A 50 17.44 -23.61 4.94
CA VAL A 50 17.33 -22.16 4.63
C VAL A 50 16.08 -21.98 3.79
N LEU A 51 15.11 -21.28 4.36
CA LEU A 51 13.77 -21.22 3.78
C LEU A 51 13.55 -19.87 3.11
N HIS A 52 13.38 -19.86 1.79
CA HIS A 52 13.27 -18.62 1.02
C HIS A 52 11.88 -18.00 1.17
N ALA A 53 11.83 -16.72 0.81
CA ALA A 53 10.62 -15.86 0.85
C ALA A 53 9.89 -15.88 -0.48
N LEU A 54 8.91 -15.00 -0.66
CA LEU A 54 7.92 -15.05 -1.77
C LEU A 54 8.61 -15.27 -3.10
N THR A 55 9.61 -14.46 -3.44
CA THR A 55 10.23 -14.47 -4.81
C THR A 55 11.62 -15.10 -4.76
N GLY A 56 12.04 -15.66 -3.62
CA GLY A 56 13.34 -16.32 -3.54
C GLY A 56 13.36 -17.66 -4.28
N ASP A 57 14.49 -18.33 -4.23
CA ASP A 57 14.65 -19.69 -4.79
C ASP A 57 15.73 -20.43 -4.00
N SER A 58 16.23 -21.53 -4.53
CA SER A 58 17.23 -22.34 -3.81
C SER A 58 18.60 -21.64 -3.80
N HIS A 59 18.77 -20.56 -4.56
CA HIS A 59 20.09 -19.91 -4.74
C HIS A 59 20.36 -18.95 -3.60
N VAL A 60 20.65 -19.49 -2.43
CA VAL A 60 20.84 -18.71 -1.17
C VAL A 60 22.08 -17.82 -1.29
N THR A 61 23.17 -18.36 -1.79
CA THR A 61 24.48 -17.70 -1.78
C THR A 61 25.21 -18.02 -3.08
N GLY A 62 26.06 -17.10 -3.47
CA GLY A 62 26.95 -17.26 -4.62
C GLY A 62 26.73 -16.20 -5.68
N PRO A 63 27.71 -16.01 -6.60
CA PRO A 63 27.57 -14.98 -7.63
C PRO A 63 26.62 -15.34 -8.77
N ALA A 64 26.19 -14.33 -9.54
CA ALA A 64 25.53 -14.56 -10.85
C ALA A 64 26.45 -15.47 -11.69
N GLY A 65 25.86 -16.46 -12.35
CA GLY A 65 26.61 -17.45 -13.14
C GLY A 65 25.65 -18.24 -14.00
N ASP A 66 26.06 -19.42 -14.45
CA ASP A 66 25.22 -20.27 -15.33
C ASP A 66 24.06 -20.81 -14.49
N GLY A 67 22.83 -20.46 -14.89
CA GLY A 67 21.57 -20.91 -14.29
C GLY A 67 21.08 -19.97 -13.20
N HIS A 68 21.82 -18.90 -12.91
CA HIS A 68 21.54 -17.91 -11.83
C HIS A 68 21.93 -16.53 -12.32
N PRO A 69 20.98 -15.78 -12.89
CA PRO A 69 21.28 -14.45 -13.44
C PRO A 69 21.73 -13.41 -12.39
N THR A 70 21.49 -13.62 -11.09
CA THR A 70 21.90 -12.68 -10.01
C THR A 70 22.55 -13.43 -8.83
N ALA A 71 23.19 -12.67 -7.94
CA ALA A 71 23.83 -13.18 -6.72
C ALA A 71 22.73 -13.81 -5.85
N GLY A 72 23.14 -14.76 -5.00
CA GLY A 72 22.28 -15.40 -4.00
C GLY A 72 21.42 -14.39 -3.24
N TRP A 73 20.18 -14.76 -2.91
CA TRP A 73 19.26 -13.79 -2.25
C TRP A 73 19.72 -13.49 -0.81
N TRP A 74 20.51 -14.37 -0.18
CA TRP A 74 21.17 -14.17 1.14
C TRP A 74 22.69 -14.36 0.94
N ASP A 75 23.22 -13.67 -0.07
CA ASP A 75 24.63 -13.89 -0.49
C ASP A 75 25.56 -13.73 0.71
N GLY A 76 26.44 -14.70 0.91
CA GLY A 76 27.45 -14.68 1.99
C GLY A 76 26.97 -15.33 3.27
N VAL A 77 25.68 -15.69 3.39
CA VAL A 77 25.14 -16.22 4.67
C VAL A 77 25.75 -17.60 4.98
N ALA A 78 26.08 -18.37 3.93
CA ALA A 78 26.61 -19.74 4.09
C ALA A 78 27.95 -19.85 3.38
N GLY A 79 28.91 -20.44 4.05
CA GLY A 79 30.28 -20.51 3.52
C GLY A 79 31.24 -20.71 4.66
N PRO A 80 32.54 -20.88 4.35
CA PRO A 80 33.52 -21.14 5.39
C PRO A 80 33.61 -19.91 6.29
N GLY A 81 33.41 -20.11 7.58
CA GLY A 81 33.42 -19.06 8.61
C GLY A 81 32.20 -18.14 8.57
N ALA A 82 31.23 -18.40 7.67
CA ALA A 82 30.03 -17.54 7.50
C ALA A 82 29.03 -17.80 8.63
N PRO A 83 27.96 -17.00 8.76
CA PRO A 83 26.96 -17.22 9.81
C PRO A 83 26.47 -18.67 9.82
N ILE A 84 26.19 -19.23 8.65
CA ILE A 84 26.03 -20.70 8.55
C ILE A 84 27.40 -21.21 8.09
N ASP A 85 28.24 -21.57 9.05
CA ASP A 85 29.63 -21.96 8.75
C ASP A 85 29.63 -23.36 8.13
N THR A 86 29.84 -23.42 6.82
CA THR A 86 29.75 -24.70 6.09
C THR A 86 30.95 -25.60 6.37
N ASP A 87 31.93 -25.15 7.13
CA ASP A 87 32.98 -26.07 7.65
C ASP A 87 32.37 -27.01 8.68
N HIS A 88 31.24 -26.64 9.31
CA HIS A 88 30.58 -27.47 10.35
C HIS A 88 29.16 -27.85 9.97
N TRP A 89 28.48 -26.99 9.21
CA TRP A 89 27.03 -27.17 8.90
C TRP A 89 26.85 -27.51 7.43
N CYS A 90 25.76 -28.21 7.14
CA CYS A 90 25.30 -28.45 5.77
C CYS A 90 24.06 -27.56 5.54
N ALA A 91 24.25 -26.44 4.89
CA ALA A 91 23.14 -25.52 4.51
C ALA A 91 22.39 -26.13 3.35
N ILE A 92 21.09 -26.39 3.49
CA ILE A 92 20.25 -26.89 2.39
C ILE A 92 19.11 -25.90 2.15
N ALA A 93 18.84 -25.60 0.89
CA ALA A 93 17.68 -24.77 0.52
C ALA A 93 16.90 -25.45 -0.58
N THR A 94 15.60 -25.48 -0.46
CA THR A 94 14.74 -25.89 -1.59
C THR A 94 14.27 -24.68 -2.38
N ASN A 95 13.75 -24.92 -3.57
CA ASN A 95 12.73 -24.07 -4.20
C ASN A 95 11.40 -24.56 -3.65
N VAL A 96 10.62 -23.67 -3.08
CA VAL A 96 9.35 -24.01 -2.40
C VAL A 96 8.40 -24.71 -3.38
N LEU A 97 7.58 -25.60 -2.82
CA LEU A 97 6.40 -26.10 -3.54
C LEU A 97 5.58 -24.91 -4.05
N GLY A 98 5.18 -24.93 -5.31
CA GLY A 98 4.48 -23.80 -5.97
C GLY A 98 5.44 -22.88 -6.71
N GLY A 99 6.75 -23.08 -6.52
CA GLY A 99 7.76 -22.20 -7.12
C GLY A 99 7.92 -22.37 -8.63
N CYS A 100 8.82 -21.57 -9.20
CA CYS A 100 9.08 -21.51 -10.65
C CYS A 100 10.56 -21.67 -10.97
N ARG A 101 11.37 -22.12 -10.03
CA ARG A 101 12.83 -22.25 -10.25
C ARG A 101 13.25 -23.69 -9.98
N GLY A 102 12.46 -24.65 -10.44
CA GLY A 102 12.88 -26.06 -10.43
C GLY A 102 11.86 -26.95 -9.74
N SER A 103 11.09 -26.42 -8.82
CA SER A 103 10.09 -27.22 -8.08
C SER A 103 8.74 -27.19 -8.80
N THR A 104 7.92 -28.20 -8.54
CA THR A 104 6.55 -28.29 -9.07
C THR A 104 5.78 -27.02 -8.70
N GLY A 105 5.22 -26.38 -9.69
CA GLY A 105 4.32 -25.23 -9.53
C GLY A 105 3.40 -25.12 -10.72
N PRO A 106 2.68 -23.99 -10.83
CA PRO A 106 1.70 -23.79 -11.89
C PRO A 106 2.26 -23.96 -13.31
N GLY A 107 3.53 -23.64 -13.54
CA GLY A 107 4.17 -23.71 -14.85
C GLY A 107 4.57 -25.15 -15.17
N SER A 108 4.64 -26.04 -14.19
CA SER A 108 5.04 -27.46 -14.37
C SER A 108 3.93 -28.22 -15.12
N LEU A 109 4.32 -29.30 -15.80
CA LEU A 109 3.32 -30.09 -16.54
C LEU A 109 2.57 -31.02 -15.57
N ALA A 110 1.25 -31.01 -15.72
CA ALA A 110 0.27 -31.90 -15.07
C ALA A 110 0.32 -33.26 -15.76
N PRO A 111 -0.31 -34.29 -15.17
CA PRO A 111 -0.36 -35.64 -15.75
C PRO A 111 -0.81 -35.65 -17.21
N ASP A 112 -1.71 -34.72 -17.57
CA ASP A 112 -2.34 -34.59 -18.91
C ASP A 112 -1.38 -33.91 -19.91
N GLY A 113 -0.15 -33.58 -19.50
CA GLY A 113 0.90 -33.05 -20.39
C GLY A 113 0.84 -31.54 -20.62
N LYS A 114 -0.13 -30.86 -20.03
CA LYS A 114 -0.26 -29.39 -20.15
C LYS A 114 0.14 -28.80 -18.82
N PRO A 115 0.59 -27.53 -18.81
CA PRO A 115 0.92 -26.87 -17.54
C PRO A 115 -0.26 -26.99 -16.56
N TRP A 116 0.05 -27.10 -15.28
CA TRP A 116 -1.00 -27.14 -14.24
C TRP A 116 -1.89 -25.92 -14.41
N GLY A 117 -1.30 -24.71 -14.43
CA GLY A 117 -2.10 -23.48 -14.58
C GLY A 117 -3.23 -23.41 -13.59
N SER A 118 -4.45 -23.20 -14.10
CA SER A 118 -5.68 -23.06 -13.26
C SER A 118 -6.01 -24.36 -12.51
N ARG A 119 -5.39 -25.50 -12.85
CA ARG A 119 -5.61 -26.79 -12.14
C ARG A 119 -4.64 -26.91 -10.96
N PHE A 120 -3.66 -26.02 -10.82
CA PHE A 120 -2.73 -26.15 -9.69
C PHE A 120 -3.55 -26.01 -8.40
N PRO A 121 -3.36 -26.89 -7.42
CA PRO A 121 -4.14 -26.81 -6.17
C PRO A 121 -3.74 -25.59 -5.36
N GLN A 122 -4.65 -25.21 -4.49
CA GLN A 122 -4.36 -24.20 -3.45
C GLN A 122 -3.46 -24.90 -2.44
N ILE A 123 -2.28 -24.40 -2.21
CA ILE A 123 -1.35 -24.97 -1.20
C ILE A 123 -1.23 -24.00 -0.03
N THR A 124 -0.85 -24.56 1.10
CA THR A 124 -0.66 -23.83 2.36
C THR A 124 0.83 -23.83 2.70
N ILE A 125 1.20 -23.04 3.70
CA ILE A 125 2.57 -23.10 4.24
C ILE A 125 2.82 -24.52 4.76
N ARG A 126 1.82 -25.14 5.35
CA ARG A 126 2.04 -26.51 5.89
C ARG A 126 2.38 -27.48 4.74
N ASP A 127 1.73 -27.32 3.59
CA ASP A 127 2.07 -28.13 2.40
C ASP A 127 3.52 -27.89 1.96
N GLN A 128 4.01 -26.66 2.05
CA GLN A 128 5.41 -26.35 1.70
C GLN A 128 6.37 -27.06 2.66
N VAL A 129 6.09 -27.02 3.95
CA VAL A 129 6.88 -27.76 4.96
C VAL A 129 6.84 -29.28 4.64
N ALA A 130 5.67 -29.82 4.34
CA ALA A 130 5.56 -31.27 3.98
C ALA A 130 6.43 -31.60 2.76
N ALA A 131 6.43 -30.78 1.72
CA ALA A 131 7.24 -31.04 0.50
C ALA A 131 8.72 -31.02 0.86
N ASP A 132 9.16 -30.00 1.63
CA ASP A 132 10.58 -29.93 2.01
C ASP A 132 10.99 -31.16 2.83
N ARG A 133 10.17 -31.54 3.80
CA ARG A 133 10.47 -32.68 4.70
C ARG A 133 10.57 -33.95 3.84
N ALA A 134 9.71 -34.08 2.84
CA ALA A 134 9.71 -35.27 1.96
C ALA A 134 10.98 -35.29 1.12
N ALA A 135 11.44 -34.14 0.63
CA ALA A 135 12.65 -34.01 -0.19
C ALA A 135 13.84 -34.39 0.67
N LEU A 136 13.90 -33.88 1.90
CA LEU A 136 15.01 -34.21 2.81
C LEU A 136 15.00 -35.72 3.06
N ALA A 137 13.84 -36.33 3.25
CA ALA A 137 13.76 -37.78 3.60
C ALA A 137 14.28 -38.59 2.41
N ALA A 138 13.94 -38.20 1.21
CA ALA A 138 14.42 -38.88 -0.02
C ALA A 138 15.96 -38.83 -0.08
N LEU A 139 16.57 -37.75 0.42
CA LEU A 139 18.05 -37.55 0.53
C LEU A 139 18.61 -38.28 1.78
N GLY A 140 17.79 -39.02 2.54
CA GLY A 140 18.22 -39.75 3.74
C GLY A 140 18.29 -38.91 5.00
N ILE A 141 17.69 -37.73 5.00
CA ILE A 141 17.76 -36.77 6.14
C ILE A 141 16.38 -36.72 6.80
N THR A 142 16.27 -37.16 8.03
CA THR A 142 14.96 -37.28 8.74
C THR A 142 14.80 -36.26 9.86
N GLU A 143 15.87 -35.52 10.18
CA GLU A 143 15.82 -34.41 11.16
C GLU A 143 16.74 -33.30 10.70
N VAL A 144 16.53 -32.07 11.22
CA VAL A 144 17.46 -30.96 10.88
C VAL A 144 17.93 -30.36 12.19
N ALA A 145 19.13 -29.83 12.16
CA ALA A 145 19.66 -29.09 13.31
C ALA A 145 18.86 -27.79 13.46
N ALA A 146 18.62 -27.09 12.35
CA ALA A 146 17.90 -25.80 12.46
C ALA A 146 17.12 -25.49 11.21
N VAL A 147 16.09 -24.65 11.37
CA VAL A 147 15.36 -24.00 10.23
C VAL A 147 15.58 -22.50 10.38
N VAL A 148 15.88 -21.82 9.29
CA VAL A 148 16.04 -20.34 9.32
C VAL A 148 15.26 -19.76 8.18
N GLY A 149 14.61 -18.62 8.41
CA GLY A 149 13.91 -17.93 7.32
C GLY A 149 13.35 -16.63 7.78
N GLY A 150 13.28 -15.71 6.83
CA GLY A 150 12.57 -14.45 6.99
C GLY A 150 11.34 -14.38 6.11
N SER A 151 10.34 -13.61 6.50
CA SER A 151 9.20 -13.30 5.62
C SER A 151 8.41 -14.61 5.40
N MET A 152 8.07 -14.94 4.17
CA MET A 152 7.40 -16.23 3.90
C MET A 152 8.29 -17.35 4.41
N GLY A 153 9.61 -17.16 4.32
CA GLY A 153 10.56 -18.14 4.86
C GLY A 153 10.41 -18.30 6.37
N GLY A 154 10.13 -17.22 7.06
CA GLY A 154 9.76 -17.24 8.49
C GLY A 154 8.48 -18.02 8.77
N ALA A 155 7.44 -17.85 7.96
CA ALA A 155 6.20 -18.63 8.11
C ALA A 155 6.55 -20.12 7.94
N ARG A 156 7.38 -20.44 6.94
CA ARG A 156 7.75 -21.86 6.71
C ARG A 156 8.50 -22.36 7.95
N ALA A 157 9.44 -21.59 8.46
CA ALA A 157 10.25 -22.00 9.62
C ALA A 157 9.33 -22.21 10.84
N LEU A 158 8.44 -21.27 11.11
CA LEU A 158 7.54 -21.33 12.26
C LEU A 158 6.65 -22.59 12.16
N GLU A 159 6.08 -22.83 10.98
CA GLU A 159 5.20 -24.04 10.84
C GLU A 159 6.07 -25.29 11.04
N TRP A 160 7.29 -25.28 10.53
CA TRP A 160 8.20 -26.44 10.72
C TRP A 160 8.40 -26.69 12.21
N LEU A 161 8.73 -25.65 12.96
CA LEU A 161 8.98 -25.74 14.41
C LEU A 161 7.74 -26.23 15.14
N VAL A 162 6.57 -25.68 14.82
CA VAL A 162 5.36 -25.99 15.60
C VAL A 162 4.86 -27.38 15.21
N THR A 163 4.99 -27.74 13.94
CA THR A 163 4.43 -29.00 13.42
C THR A 163 5.34 -30.17 13.84
N HIS A 164 6.64 -30.00 13.77
CA HIS A 164 7.65 -31.07 13.94
C HIS A 164 8.72 -30.70 14.96
N PRO A 165 8.34 -30.35 16.23
CA PRO A 165 9.33 -29.93 17.22
C PRO A 165 10.35 -31.03 17.55
N ASP A 166 9.97 -32.31 17.41
CA ASP A 166 10.92 -33.43 17.68
C ASP A 166 12.02 -33.52 16.63
N ASP A 167 11.89 -32.86 15.49
CA ASP A 167 12.77 -33.10 14.33
C ASP A 167 13.53 -31.82 13.95
N VAL A 168 13.65 -30.87 14.87
CA VAL A 168 14.47 -29.62 14.65
C VAL A 168 15.00 -29.19 16.03
N ARG A 169 16.26 -28.85 16.10
CA ARG A 169 16.90 -28.50 17.39
C ARG A 169 16.76 -27.01 17.69
N ALA A 170 16.65 -26.12 16.71
CA ALA A 170 16.52 -24.66 16.98
C ALA A 170 16.01 -23.99 15.71
N GLY A 171 15.47 -22.77 15.83
CA GLY A 171 14.97 -22.08 14.66
C GLY A 171 15.25 -20.59 14.74
N LEU A 172 15.29 -19.98 13.57
CA LEU A 172 15.18 -18.51 13.43
C LEU A 172 13.89 -18.23 12.71
N VAL A 173 13.02 -17.46 13.35
CA VAL A 173 11.76 -16.99 12.76
C VAL A 173 11.92 -15.45 12.67
N LEU A 174 12.05 -14.95 11.48
CA LEU A 174 12.40 -13.52 11.27
C LEU A 174 11.31 -12.85 10.45
N ALA A 175 10.79 -11.73 10.94
CA ALA A 175 9.97 -10.80 10.16
C ALA A 175 8.73 -11.53 9.61
N VAL A 176 7.94 -12.08 10.50
CA VAL A 176 6.67 -12.75 10.17
C VAL A 176 5.80 -12.71 11.41
N GLY A 177 4.55 -13.07 11.27
CA GLY A 177 3.62 -13.26 12.39
C GLY A 177 3.18 -14.72 12.49
N ALA A 178 2.42 -14.99 13.53
CA ALA A 178 1.88 -16.35 13.81
C ALA A 178 0.79 -16.70 12.80
N ARG A 179 0.08 -15.71 12.28
CA ARG A 179 -0.93 -15.91 11.24
C ARG A 179 -0.94 -14.69 10.33
N ALA A 180 -1.47 -14.86 9.14
CA ALA A 180 -1.71 -13.70 8.26
C ALA A 180 -2.64 -12.70 8.93
N THR A 181 -2.31 -11.41 8.82
CA THR A 181 -3.15 -10.30 9.31
C THR A 181 -4.11 -9.83 8.23
N ALA A 182 -5.14 -9.06 8.60
CA ALA A 182 -6.08 -8.48 7.63
C ALA A 182 -5.34 -7.63 6.61
N ASP A 183 -4.36 -6.83 7.05
CA ASP A 183 -3.63 -5.98 6.08
C ASP A 183 -2.85 -6.86 5.10
N GLN A 184 -2.17 -7.88 5.59
CA GLN A 184 -1.37 -8.76 4.71
C GLN A 184 -2.33 -9.42 3.70
N ILE A 185 -3.44 -9.93 4.19
CA ILE A 185 -4.40 -10.59 3.27
C ILE A 185 -4.94 -9.54 2.31
N GLY A 186 -5.23 -8.35 2.77
CA GLY A 186 -5.74 -7.30 1.92
C GLY A 186 -4.75 -7.03 0.80
N THR A 187 -3.47 -6.85 1.07
CA THR A 187 -2.52 -6.49 0.00
C THR A 187 -2.25 -7.72 -0.87
N GLN A 188 -2.13 -8.90 -0.25
CA GLN A 188 -1.87 -10.16 -0.99
C GLN A 188 -3.03 -10.42 -1.94
N SER A 189 -4.26 -10.38 -1.45
CA SER A 189 -5.42 -10.70 -2.32
C SER A 189 -5.53 -9.65 -3.41
N THR A 190 -5.16 -8.38 -3.17
CA THR A 190 -5.32 -7.30 -4.17
C THR A 190 -4.20 -7.41 -5.21
N GLN A 191 -3.01 -7.82 -4.78
CA GLN A 191 -1.88 -8.12 -5.68
C GLN A 191 -2.31 -9.23 -6.64
N VAL A 192 -2.93 -10.27 -6.08
CA VAL A 192 -3.41 -11.40 -6.90
C VAL A 192 -4.49 -10.85 -7.84
N ALA A 193 -5.41 -10.04 -7.36
CA ALA A 193 -6.48 -9.48 -8.23
C ALA A 193 -5.86 -8.67 -9.38
N ALA A 194 -4.76 -7.94 -9.17
CA ALA A 194 -4.07 -7.19 -10.22
C ALA A 194 -3.57 -8.13 -11.33
N ILE A 195 -3.01 -9.27 -10.96
CA ILE A 195 -2.58 -10.32 -11.90
C ILE A 195 -3.77 -10.88 -12.63
N LYS A 196 -4.83 -11.22 -11.93
CA LYS A 196 -5.99 -11.89 -12.57
C LYS A 196 -6.75 -10.90 -13.45
N ALA A 197 -6.59 -9.60 -13.22
CA ALA A 197 -7.32 -8.58 -14.00
C ALA A 197 -6.69 -8.47 -15.39
N ASP A 198 -5.41 -8.79 -15.50
CA ASP A 198 -4.61 -8.66 -16.74
C ASP A 198 -5.19 -9.61 -17.79
N PRO A 199 -5.61 -9.14 -18.98
CA PRO A 199 -6.30 -10.03 -19.91
C PRO A 199 -5.38 -11.16 -20.38
N ASP A 200 -4.08 -11.08 -20.17
CA ASP A 200 -3.17 -12.20 -20.54
C ASP A 200 -3.13 -13.31 -19.49
N TRP A 201 -3.77 -13.14 -18.33
CA TRP A 201 -3.87 -14.20 -17.31
C TRP A 201 -4.51 -15.46 -17.94
N GLN A 202 -5.54 -15.27 -18.77
CA GLN A 202 -6.22 -16.41 -19.47
C GLN A 202 -6.67 -17.46 -18.44
N GLY A 203 -7.28 -17.01 -17.34
CA GLY A 203 -7.80 -17.88 -16.29
C GLY A 203 -6.73 -18.64 -15.51
N GLY A 204 -5.45 -18.29 -15.67
CA GLY A 204 -4.35 -19.05 -15.08
C GLY A 204 -3.65 -19.95 -16.06
N ASP A 205 -4.24 -20.14 -17.25
CA ASP A 205 -3.72 -21.07 -18.29
C ASP A 205 -3.00 -20.32 -19.43
N TYR A 206 -2.12 -19.38 -19.10
CA TYR A 206 -1.36 -18.58 -20.09
C TYR A 206 -0.08 -19.31 -20.41
N HIS A 207 0.31 -20.30 -19.59
CA HIS A 207 1.63 -20.98 -19.71
C HIS A 207 1.70 -21.61 -21.10
N GLY A 208 2.70 -21.21 -21.88
CA GLY A 208 2.91 -21.80 -23.21
C GLY A 208 2.13 -21.13 -24.31
N THR A 209 1.35 -20.07 -24.05
CA THR A 209 0.50 -19.41 -25.08
C THR A 209 1.26 -18.28 -25.80
N GLY A 210 2.43 -17.85 -25.31
CA GLY A 210 3.17 -16.69 -25.86
C GLY A 210 2.71 -15.35 -25.30
N ARG A 211 1.73 -15.38 -24.38
CA ARG A 211 1.22 -14.17 -23.68
C ARG A 211 1.26 -14.51 -22.19
N ALA A 212 1.56 -13.54 -21.35
CA ALA A 212 1.60 -13.77 -19.89
C ALA A 212 1.20 -12.47 -19.22
N PRO A 213 0.56 -12.55 -18.03
CA PRO A 213 0.15 -11.35 -17.29
C PRO A 213 1.30 -10.69 -16.53
N THR A 214 2.38 -10.37 -17.23
CA THR A 214 3.56 -9.71 -16.62
C THR A 214 3.17 -8.29 -16.18
N GLU A 215 2.36 -7.56 -16.94
CA GLU A 215 1.94 -6.20 -16.58
C GLU A 215 1.24 -6.23 -15.23
N GLY A 216 0.30 -7.17 -15.02
CA GLY A 216 -0.44 -7.23 -13.74
C GLY A 216 0.51 -7.63 -12.63
N MET A 217 1.45 -8.51 -12.91
CA MET A 217 2.41 -8.90 -11.86
C MET A 217 3.32 -7.71 -11.54
N GLU A 218 3.71 -6.91 -12.55
CA GLU A 218 4.54 -5.73 -12.28
C GLU A 218 3.77 -4.78 -11.35
N ILE A 219 2.48 -4.57 -11.59
CA ILE A 219 1.64 -3.73 -10.68
C ILE A 219 1.70 -4.33 -9.29
N ALA A 220 1.47 -5.65 -9.15
CA ALA A 220 1.41 -6.31 -7.85
C ALA A 220 2.75 -6.11 -7.14
N ARG A 221 3.84 -6.25 -7.87
CA ARG A 221 5.20 -6.18 -7.29
C ARG A 221 5.52 -4.73 -6.87
N ARG A 222 5.03 -3.74 -7.60
CA ARG A 222 5.26 -2.33 -7.18
C ARG A 222 4.61 -2.07 -5.83
N PHE A 223 3.36 -2.48 -5.66
CA PHE A 223 2.66 -2.30 -4.38
C PHE A 223 3.35 -3.14 -3.30
N ALA A 224 3.72 -4.38 -3.58
CA ALA A 224 4.40 -5.22 -2.58
C ALA A 224 5.70 -4.54 -2.16
N HIS A 225 6.45 -4.02 -3.11
CA HIS A 225 7.73 -3.37 -2.80
C HIS A 225 7.52 -2.24 -1.81
N LEU A 226 6.48 -1.43 -1.99
CA LEU A 226 6.20 -0.35 -1.01
C LEU A 226 5.96 -0.94 0.36
N THR A 227 5.24 -2.06 0.46
CA THR A 227 5.03 -2.70 1.77
C THR A 227 6.33 -3.14 2.40
N TYR A 228 7.37 -3.39 1.60
CA TYR A 228 8.68 -3.91 2.06
C TYR A 228 9.58 -2.77 2.53
N ARG A 229 9.23 -1.53 2.25
CA ARG A 229 10.13 -0.39 2.52
C ARG A 229 9.82 0.26 3.86
N GLY A 230 10.82 0.92 4.44
CA GLY A 230 10.61 1.83 5.56
C GLY A 230 10.16 3.18 5.03
N GLU A 231 9.08 3.71 5.58
CA GLU A 231 8.50 4.93 4.96
C GLU A 231 9.54 6.06 4.97
N GLU A 232 10.16 6.29 6.12
CA GLU A 232 11.08 7.46 6.27
C GLU A 232 12.28 7.27 5.36
N GLU A 233 12.86 6.07 5.33
CA GLU A 233 14.04 5.81 4.47
C GLU A 233 13.67 6.04 3.02
N LEU A 234 12.49 5.65 2.60
CA LEU A 234 12.11 5.78 1.19
C LEU A 234 12.04 7.29 0.86
N ASP A 235 11.50 8.09 1.77
CA ASP A 235 11.36 9.55 1.53
C ASP A 235 12.77 10.15 1.56
N ASP A 236 13.65 9.68 2.45
CA ASP A 236 15.04 10.23 2.53
C ASP A 236 15.74 9.94 1.21
N ARG A 237 15.50 8.77 0.63
CA ARG A 237 16.26 8.36 -0.56
C ARG A 237 15.76 9.12 -1.77
N PHE A 238 14.46 9.19 -1.98
CA PHE A 238 13.85 9.70 -3.22
C PHE A 238 13.09 11.02 -3.04
N ALA A 239 12.50 11.27 -1.86
CA ALA A 239 11.58 12.40 -1.65
C ALA A 239 10.63 12.49 -2.84
N ASN A 240 10.32 13.70 -3.31
CA ASN A 240 9.52 13.93 -4.51
C ASN A 240 10.43 14.29 -5.69
N THR A 241 11.71 13.93 -5.65
CA THR A 241 12.64 14.28 -6.73
C THR A 241 12.18 13.68 -8.04
N PRO A 242 12.31 14.41 -9.16
CA PRO A 242 12.12 13.82 -10.47
C PRO A 242 13.15 12.77 -10.87
N GLN A 243 12.74 11.87 -11.75
CA GLN A 243 13.69 10.94 -12.43
C GLN A 243 14.60 11.71 -13.40
N ASP A 244 15.91 11.70 -13.17
CA ASP A 244 16.91 12.39 -14.05
C ASP A 244 16.39 13.78 -14.44
N ASP A 245 16.25 14.03 -15.75
CA ASP A 245 15.87 15.35 -16.34
C ASP A 245 14.38 15.36 -16.68
N GLU A 246 13.61 14.34 -16.29
CA GLU A 246 12.15 14.34 -16.56
C GLU A 246 11.44 15.41 -15.75
N ASP A 247 10.30 15.86 -16.23
CA ASP A 247 9.52 16.92 -15.56
C ASP A 247 8.16 16.37 -15.21
N PRO A 248 7.91 15.96 -13.95
CA PRO A 248 6.60 15.44 -13.60
C PRO A 248 5.45 16.41 -13.81
N LEU A 249 5.69 17.72 -13.80
CA LEU A 249 4.64 18.71 -14.06
C LEU A 249 4.12 18.62 -15.50
N THR A 250 4.87 18.02 -16.44
CA THR A 250 4.36 17.89 -17.82
C THR A 250 4.26 16.42 -18.23
N GLY A 251 4.24 15.51 -17.25
CA GLY A 251 3.93 14.08 -17.45
C GLY A 251 5.12 13.17 -17.23
N GLY A 252 6.26 13.69 -16.82
CA GLY A 252 7.44 12.90 -16.51
C GLY A 252 7.26 12.06 -15.25
N ARG A 253 8.26 11.26 -14.95
CA ARG A 253 8.27 10.37 -13.77
C ARG A 253 9.00 11.02 -12.61
N TYR A 254 8.59 10.68 -11.41
CA TYR A 254 9.34 10.89 -10.17
C TYR A 254 10.38 9.78 -10.00
N ALA A 255 11.43 10.03 -9.24
CA ALA A 255 12.49 9.05 -9.03
C ALA A 255 11.91 7.78 -8.38
N VAL A 256 11.04 7.93 -7.37
CA VAL A 256 10.50 6.73 -6.67
C VAL A 256 9.64 5.92 -7.66
N GLN A 257 8.91 6.57 -8.54
CA GLN A 257 8.06 5.94 -9.55
C GLN A 257 8.95 5.15 -10.53
N SER A 258 10.03 5.76 -11.02
CA SER A 258 10.96 5.11 -11.96
C SER A 258 11.55 3.87 -11.27
N TYR A 259 11.93 4.00 -10.01
CA TYR A 259 12.55 2.89 -9.25
C TYR A 259 11.52 1.74 -9.13
N LEU A 260 10.28 2.05 -8.81
CA LEU A 260 9.24 1.01 -8.73
C LEU A 260 9.04 0.34 -10.11
N GLU A 261 8.95 1.11 -11.18
CA GLU A 261 8.80 0.52 -12.54
C GLU A 261 9.98 -0.43 -12.77
N TYR A 262 11.18 -0.03 -12.37
CA TYR A 262 12.37 -0.90 -12.54
C TYR A 262 12.19 -2.19 -11.74
N GLN A 263 11.74 -2.11 -10.49
CA GLN A 263 11.56 -3.32 -9.63
C GLN A 263 10.55 -4.24 -10.31
N GLY A 264 9.48 -3.70 -10.84
CA GLY A 264 8.50 -4.54 -11.52
C GLY A 264 9.15 -5.29 -12.65
N GLY A 265 9.87 -4.56 -13.48
CA GLY A 265 10.47 -5.15 -14.69
C GLY A 265 11.44 -6.26 -14.30
N LYS A 266 12.27 -6.04 -13.30
CA LYS A 266 13.25 -7.04 -12.83
C LYS A 266 12.48 -8.31 -12.49
N LEU A 267 11.36 -8.20 -11.75
CA LEU A 267 10.66 -9.42 -11.39
C LEU A 267 10.07 -10.09 -12.64
N ALA A 268 9.54 -9.31 -13.56
CA ALA A 268 8.93 -9.86 -14.79
C ALA A 268 9.98 -10.67 -15.57
N ARG A 269 11.27 -10.36 -15.46
CA ARG A 269 12.30 -11.08 -16.26
C ARG A 269 12.67 -12.41 -15.57
N ARG A 270 12.27 -12.67 -14.32
CA ARG A 270 12.78 -13.84 -13.54
C ARG A 270 11.70 -14.66 -12.84
N PHE A 271 10.43 -14.25 -12.86
CA PHE A 271 9.44 -14.84 -11.95
C PHE A 271 8.11 -15.02 -12.64
N ASP A 272 7.46 -16.16 -12.34
CA ASP A 272 6.19 -16.51 -13.01
C ASP A 272 4.97 -15.92 -12.28
N PRO A 273 4.04 -15.26 -12.99
CA PRO A 273 2.82 -14.73 -12.36
C PRO A 273 1.99 -15.77 -11.61
N GLY A 274 1.82 -16.97 -12.19
CA GLY A 274 1.06 -18.05 -11.55
C GLY A 274 1.69 -18.44 -10.22
N THR A 275 3.01 -18.56 -10.16
CA THR A 275 3.72 -18.82 -8.88
C THR A 275 3.42 -17.66 -7.93
N TYR A 276 3.48 -16.42 -8.40
CA TYR A 276 3.18 -15.26 -7.52
C TYR A 276 1.81 -15.44 -6.85
N VAL A 277 0.81 -15.81 -7.66
CA VAL A 277 -0.59 -16.04 -7.18
C VAL A 277 -0.59 -17.17 -6.14
N VAL A 278 -0.01 -18.33 -6.48
CA VAL A 278 -0.09 -19.52 -5.62
C VAL A 278 0.57 -19.22 -4.26
N LEU A 279 1.74 -18.58 -4.30
CA LEU A 279 2.51 -18.34 -3.06
C LEU A 279 1.85 -17.19 -2.27
N SER A 280 1.27 -16.20 -2.96
CA SER A 280 0.55 -15.10 -2.25
C SER A 280 -0.64 -15.70 -1.52
N ASP A 281 -1.36 -16.63 -2.13
CA ASP A 281 -2.50 -17.31 -1.47
C ASP A 281 -2.03 -18.20 -0.33
N ALA A 282 -0.85 -18.80 -0.44
CA ALA A 282 -0.25 -19.60 0.64
C ALA A 282 0.05 -18.66 1.82
N LEU A 283 0.57 -17.47 1.53
CA LEU A 283 0.81 -16.50 2.61
C LEU A 283 -0.51 -16.12 3.26
N SER A 284 -1.57 -15.89 2.52
CA SER A 284 -2.86 -15.47 3.11
C SER A 284 -3.42 -16.57 4.00
N SER A 285 -3.10 -17.84 3.69
CA SER A 285 -3.50 -19.06 4.44
C SER A 285 -2.73 -19.21 5.75
N HIS A 286 -1.67 -18.46 5.95
CA HIS A 286 -0.73 -18.72 7.05
C HIS A 286 -1.47 -18.57 8.39
N ASP A 287 -1.40 -19.58 9.24
CA ASP A 287 -2.12 -19.56 10.54
C ASP A 287 -1.62 -20.74 11.34
N VAL A 288 -0.67 -20.54 12.23
CA VAL A 288 -0.11 -21.68 13.01
C VAL A 288 -1.16 -22.22 13.96
N GLY A 289 -2.24 -21.48 14.23
CA GLY A 289 -3.29 -21.90 15.16
C GLY A 289 -4.32 -22.82 14.52
N ARG A 290 -4.35 -22.96 13.20
CA ARG A 290 -5.45 -23.68 12.52
C ARG A 290 -5.44 -25.15 12.94
N GLY A 291 -6.59 -25.66 13.39
CA GLY A 291 -6.69 -27.07 13.82
C GLY A 291 -5.98 -27.36 15.13
N ARG A 292 -5.49 -26.34 15.84
CA ARG A 292 -4.64 -26.53 17.04
C ARG A 292 -5.19 -25.72 18.20
N GLY A 293 -6.42 -25.20 18.09
CA GLY A 293 -6.99 -24.43 19.20
C GLY A 293 -6.54 -22.99 19.21
N GLY A 294 -6.01 -22.52 18.09
CA GLY A 294 -5.64 -21.12 17.90
C GLY A 294 -4.17 -20.83 18.15
N VAL A 295 -3.77 -19.61 17.83
CA VAL A 295 -2.33 -19.25 17.77
C VAL A 295 -1.69 -19.42 19.13
N GLU A 296 -2.35 -18.96 20.20
CA GLU A 296 -1.67 -18.97 21.51
C GLU A 296 -1.40 -20.44 21.90
N ALA A 297 -2.40 -21.30 21.76
CA ALA A 297 -2.24 -22.73 22.12
C ALA A 297 -1.07 -23.28 21.30
N ALA A 298 -1.07 -23.07 19.99
CA ALA A 298 -0.10 -23.69 19.06
C ALA A 298 1.32 -23.23 19.44
N LEU A 299 1.48 -21.94 19.69
CA LEU A 299 2.85 -21.45 20.02
C LEU A 299 3.29 -22.01 21.38
N ARG A 300 2.40 -21.97 22.37
CA ARG A 300 2.80 -22.45 23.71
C ARG A 300 3.17 -23.94 23.64
N SER A 301 2.63 -24.69 22.67
CA SER A 301 2.85 -26.15 22.53
C SER A 301 4.28 -26.46 22.06
N CYS A 302 4.97 -25.45 21.50
CA CYS A 302 6.23 -25.70 20.80
C CYS A 302 7.40 -25.44 21.74
N PRO A 303 8.17 -26.47 22.16
CA PRO A 303 9.25 -26.25 23.11
C PRO A 303 10.61 -25.92 22.50
N VAL A 304 10.71 -25.83 21.18
CA VAL A 304 12.02 -25.71 20.49
C VAL A 304 12.63 -24.36 20.84
N PRO A 305 13.94 -24.30 21.13
CA PRO A 305 14.65 -23.03 21.22
C PRO A 305 14.50 -22.26 19.90
N VAL A 306 14.14 -20.98 20.01
CA VAL A 306 13.82 -20.20 18.79
C VAL A 306 14.31 -18.76 19.01
N VAL A 307 15.05 -18.26 18.05
CA VAL A 307 15.38 -16.83 17.92
C VAL A 307 14.24 -16.20 17.12
N VAL A 308 13.57 -15.21 17.69
CA VAL A 308 12.50 -14.49 16.98
C VAL A 308 13.06 -13.10 16.68
N GLY A 309 13.14 -12.73 15.41
CA GLY A 309 13.64 -11.39 15.00
C GLY A 309 12.53 -10.58 14.38
N GLY A 310 12.44 -9.30 14.74
CA GLY A 310 11.50 -8.36 14.12
C GLY A 310 12.22 -7.05 13.80
N ILE A 311 11.79 -6.39 12.75
CA ILE A 311 12.42 -5.14 12.25
C ILE A 311 11.56 -3.97 12.69
N THR A 312 12.20 -2.97 13.31
CA THR A 312 11.47 -1.85 13.93
C THR A 312 10.62 -1.11 12.90
N SER A 313 11.09 -0.93 11.68
CA SER A 313 10.40 -0.15 10.62
C SER A 313 9.56 -0.98 9.67
N ASP A 314 9.38 -2.27 9.95
CA ASP A 314 8.59 -3.18 9.07
C ASP A 314 7.14 -2.71 9.05
N ARG A 315 6.64 -2.48 7.85
CA ARG A 315 5.26 -2.04 7.62
C ARG A 315 4.37 -3.21 7.21
N LEU A 316 4.96 -4.32 6.78
CA LEU A 316 4.15 -5.47 6.27
C LEU A 316 3.91 -6.48 7.38
N TYR A 317 4.94 -6.80 8.16
CA TYR A 317 4.88 -7.65 9.37
C TYR A 317 5.30 -6.82 10.55
N PRO A 318 4.44 -5.89 10.99
CA PRO A 318 4.85 -4.96 12.03
C PRO A 318 5.33 -5.71 13.27
N ILE A 319 6.16 -5.04 14.04
CA ILE A 319 6.94 -5.69 15.13
C ILE A 319 6.01 -6.20 16.25
N ARG A 320 4.76 -5.72 16.36
CA ARG A 320 3.81 -6.28 17.34
C ARG A 320 3.69 -7.80 17.10
N LEU A 321 3.76 -8.23 15.84
CA LEU A 321 3.62 -9.65 15.49
C LEU A 321 4.77 -10.44 16.05
N GLN A 322 6.01 -9.91 15.97
CA GLN A 322 7.16 -10.68 16.46
C GLN A 322 7.19 -10.60 17.99
N GLN A 323 6.71 -9.51 18.60
CA GLN A 323 6.55 -9.46 20.08
C GLN A 323 5.59 -10.55 20.55
N GLU A 324 4.49 -10.78 19.82
CA GLU A 324 3.53 -11.88 20.12
C GLU A 324 4.27 -13.20 20.05
N LEU A 325 5.00 -13.47 18.96
CA LEU A 325 5.74 -14.75 18.82
C LEU A 325 6.71 -14.90 20.00
N ALA A 326 7.46 -13.85 20.35
CA ALA A 326 8.50 -13.93 21.39
C ALA A 326 7.84 -14.22 22.74
N GLU A 327 6.69 -13.63 23.00
CA GLU A 327 5.99 -13.75 24.30
C GLU A 327 5.45 -15.18 24.46
N LEU A 328 5.00 -15.82 23.38
CA LEU A 328 4.22 -17.07 23.51
C LEU A 328 5.08 -18.30 23.29
N LEU A 329 6.14 -18.25 22.49
CA LEU A 329 7.03 -19.40 22.23
C LEU A 329 7.90 -19.61 23.47
N PRO A 330 7.74 -20.74 24.20
CA PRO A 330 8.47 -20.90 25.46
C PRO A 330 9.99 -21.02 25.25
N GLY A 331 10.45 -21.44 24.07
CA GLY A 331 11.88 -21.53 23.75
C GLY A 331 12.50 -20.21 23.29
N CYS A 332 11.75 -19.13 23.31
CA CYS A 332 12.27 -17.79 22.93
C CYS A 332 12.63 -17.00 24.19
N GLN A 333 13.85 -16.48 24.24
CA GLN A 333 14.43 -15.79 25.41
C GLN A 333 14.11 -14.31 25.36
N GLY A 334 13.51 -13.85 24.27
CA GLY A 334 13.07 -12.44 24.16
C GLY A 334 13.06 -12.04 22.71
N LEU A 335 12.32 -10.99 22.38
CA LEU A 335 12.33 -10.48 20.99
C LEU A 335 13.69 -9.91 20.62
N ASP A 336 14.29 -10.37 19.53
CA ASP A 336 15.51 -9.74 18.97
C ASP A 336 15.03 -8.63 18.03
N VAL A 337 15.23 -7.41 18.49
CA VAL A 337 14.77 -6.17 17.80
C VAL A 337 15.86 -5.78 16.83
N VAL A 338 15.57 -5.84 15.55
CA VAL A 338 16.50 -5.40 14.49
C VAL A 338 16.15 -3.93 14.23
N ASP A 339 16.93 -3.02 14.81
CA ASP A 339 16.70 -1.55 14.77
C ASP A 339 17.30 -1.08 13.45
N SER A 340 16.44 -1.02 12.44
CA SER A 340 16.82 -0.82 11.02
C SER A 340 15.80 0.13 10.37
N ILE A 341 16.28 1.02 9.50
CA ILE A 341 15.37 1.91 8.72
C ILE A 341 14.83 1.20 7.49
N TYR A 342 15.22 -0.04 7.17
CA TYR A 342 15.01 -0.57 5.80
C TYR A 342 13.70 -1.37 5.69
N GLY A 343 12.79 -1.21 6.63
CA GLY A 343 11.51 -1.90 6.56
C GLY A 343 11.64 -3.41 6.55
N HIS A 344 10.60 -4.05 6.03
CA HIS A 344 10.58 -5.52 5.88
C HIS A 344 11.81 -5.98 5.11
N ASP A 345 12.19 -5.26 4.09
CA ASP A 345 13.35 -5.65 3.24
C ASP A 345 14.62 -5.72 4.11
N GLY A 346 14.62 -5.17 5.31
CA GLY A 346 15.72 -5.41 6.26
C GLY A 346 16.09 -6.89 6.35
N PHE A 347 15.14 -7.79 6.21
CA PHE A 347 15.46 -9.23 6.37
C PHE A 347 16.42 -9.67 5.27
N LEU A 348 16.41 -9.01 4.12
CA LEU A 348 17.40 -9.21 3.03
C LEU A 348 18.61 -8.26 3.18
N VAL A 349 18.41 -6.99 3.55
CA VAL A 349 19.51 -5.96 3.44
C VAL A 349 20.45 -6.01 4.63
N GLU A 350 19.94 -6.33 5.81
CA GLU A 350 20.74 -6.26 7.06
C GLU A 350 21.51 -7.58 7.22
N THR A 351 22.46 -7.85 6.32
CA THR A 351 23.16 -9.16 6.34
C THR A 351 23.92 -9.35 7.64
N GLU A 352 24.59 -8.32 8.17
CA GLU A 352 25.39 -8.49 9.39
C GLU A 352 24.48 -8.83 10.57
N LEU A 353 23.39 -8.09 10.72
CA LEU A 353 22.50 -8.30 11.89
C LEU A 353 21.77 -9.64 11.72
N VAL A 354 21.30 -9.97 10.54
CA VAL A 354 20.63 -11.29 10.32
C VAL A 354 21.66 -12.40 10.54
N GLY A 355 22.91 -12.19 10.11
CA GLY A 355 23.99 -13.18 10.35
C GLY A 355 24.18 -13.42 11.85
N LYS A 356 24.13 -12.36 12.65
CA LYS A 356 24.29 -12.47 14.11
C LYS A 356 23.18 -13.35 14.72
N LEU A 357 21.92 -13.16 14.27
CA LEU A 357 20.78 -13.93 14.78
C LEU A 357 20.93 -15.39 14.31
N ILE A 358 21.45 -15.60 13.10
CA ILE A 358 21.70 -17.00 12.60
C ILE A 358 22.76 -17.66 13.50
N ARG A 359 23.87 -17.00 13.83
CA ARG A 359 24.90 -17.58 14.71
C ARG A 359 24.27 -17.92 16.06
N ARG A 360 23.42 -17.04 16.62
CA ARG A 360 22.77 -17.35 17.91
C ARG A 360 21.93 -18.60 17.78
N THR A 361 21.18 -18.73 16.67
CA THR A 361 20.29 -19.88 16.45
C THR A 361 21.13 -21.16 16.39
N LEU A 362 22.27 -21.12 15.71
CA LEU A 362 23.11 -22.35 15.54
C LEU A 362 23.82 -22.66 16.84
N GLU A 363 24.07 -21.69 17.71
CA GLU A 363 24.55 -21.97 19.09
C GLU A 363 23.50 -22.78 19.86
N LEU A 364 22.22 -22.39 19.78
CA LEU A 364 21.13 -23.10 20.45
C LEU A 364 20.99 -24.53 19.89
N ALA A 365 21.30 -24.73 18.62
CA ALA A 365 21.11 -26.05 17.96
C ALA A 365 22.15 -27.02 18.52
N GLN A 366 23.35 -26.55 18.85
CA GLN A 366 24.41 -27.37 19.50
C GLN A 366 23.92 -27.75 20.90
N ALA B 1 -21.27 40.71 -14.64
CA ALA B 1 -21.11 41.14 -13.22
C ALA B 1 -20.91 39.88 -12.37
N THR B 2 -21.04 40.00 -11.05
CA THR B 2 -20.87 38.82 -10.15
C THR B 2 -22.12 37.96 -10.25
N VAL B 3 -21.92 36.66 -10.19
CA VAL B 3 -22.97 35.61 -10.28
C VAL B 3 -23.44 35.33 -8.85
N PRO B 4 -24.74 35.01 -8.66
CA PRO B 4 -25.28 34.68 -7.35
C PRO B 4 -24.90 33.26 -6.90
N LEU B 5 -24.79 33.10 -5.59
CA LEU B 5 -24.66 31.76 -4.96
C LEU B 5 -25.90 30.96 -5.34
N PRO B 6 -25.77 29.64 -5.49
CA PRO B 6 -26.94 28.78 -5.61
C PRO B 6 -27.76 28.81 -4.32
N ALA B 7 -29.01 28.39 -4.40
CA ALA B 7 -29.86 28.14 -3.21
C ALA B 7 -29.14 27.13 -2.32
N GLU B 8 -29.38 27.23 -1.03
CA GLU B 8 -28.72 26.38 0.00
C GLU B 8 -28.81 24.91 -0.37
N GLY B 9 -27.66 24.22 -0.36
CA GLY B 9 -27.61 22.77 -0.61
C GLY B 9 -27.63 22.41 -2.09
N GLU B 10 -28.02 23.33 -2.99
CA GLU B 10 -28.16 23.03 -4.44
C GLU B 10 -26.83 23.27 -5.18
N ILE B 11 -26.63 22.57 -6.30
CA ILE B 11 -25.43 22.80 -7.13
C ILE B 11 -25.57 24.05 -7.98
N GLY B 12 -24.58 24.95 -7.88
CA GLY B 12 -24.37 26.10 -8.78
C GLY B 12 -23.18 25.85 -9.69
N LEU B 13 -23.33 26.10 -10.99
CA LEU B 13 -22.21 25.94 -11.92
C LEU B 13 -21.63 27.30 -12.24
N VAL B 14 -20.43 27.56 -11.78
CA VAL B 14 -19.79 28.88 -11.95
C VAL B 14 -18.83 28.83 -13.13
N HIS B 15 -19.09 29.60 -14.18
CA HIS B 15 -18.21 29.64 -15.37
C HIS B 15 -17.15 30.71 -15.16
N ILE B 16 -15.88 30.31 -15.05
CA ILE B 16 -14.75 31.22 -14.69
C ILE B 16 -13.91 31.54 -15.93
N GLY B 17 -14.22 30.94 -17.08
CA GLY B 17 -13.45 31.23 -18.30
C GLY B 17 -12.14 30.49 -18.32
N ALA B 18 -11.17 31.00 -19.08
CA ALA B 18 -9.87 30.35 -19.29
C ALA B 18 -9.11 30.43 -17.99
N LEU B 19 -8.34 29.40 -17.71
CA LEU B 19 -7.45 29.37 -16.55
C LEU B 19 -6.04 29.05 -17.04
N THR B 20 -5.09 29.93 -16.79
CA THR B 20 -3.67 29.66 -17.05
C THR B 20 -3.17 28.75 -15.91
N LEU B 21 -2.66 27.59 -16.25
CA LEU B 21 -2.18 26.58 -15.27
C LEU B 21 -0.72 26.80 -14.95
N GLU B 22 -0.29 26.16 -13.88
CA GLU B 22 1.10 26.31 -13.37
C GLU B 22 2.11 25.87 -14.44
N ASN B 23 1.84 24.86 -15.27
CA ASN B 23 2.83 24.33 -16.26
C ASN B 23 2.79 25.16 -17.55
N GLY B 24 1.98 26.22 -17.59
CA GLY B 24 1.86 27.13 -18.76
C GLY B 24 0.76 26.76 -19.73
N THR B 25 0.14 25.57 -19.62
CA THR B 25 -1.03 25.21 -20.46
C THR B 25 -2.20 26.12 -20.11
N VAL B 26 -2.94 26.64 -21.08
CA VAL B 26 -4.22 27.35 -20.84
C VAL B 26 -5.36 26.35 -21.01
N LEU B 27 -6.16 26.22 -19.97
CA LEU B 27 -7.39 25.40 -19.96
C LEU B 27 -8.54 26.34 -20.23
N PRO B 28 -9.14 26.29 -21.44
CA PRO B 28 -10.27 27.16 -21.72
C PRO B 28 -11.57 26.77 -21.00
N ASP B 29 -12.43 27.77 -20.84
CA ASP B 29 -13.87 27.62 -20.55
C ASP B 29 -14.07 26.66 -19.38
N VAL B 30 -13.52 27.00 -18.22
CA VAL B 30 -13.62 26.10 -17.04
C VAL B 30 -14.94 26.39 -16.32
N THR B 31 -15.58 25.35 -15.83
CA THR B 31 -16.74 25.48 -14.93
C THR B 31 -16.38 24.85 -13.58
N ILE B 32 -16.71 25.54 -12.48
CA ILE B 32 -16.53 25.00 -11.11
C ILE B 32 -17.90 24.86 -10.49
N ALA B 33 -18.25 23.64 -10.09
CA ALA B 33 -19.48 23.34 -9.35
C ALA B 33 -19.33 23.74 -7.87
N VAL B 34 -20.36 24.34 -7.29
CA VAL B 34 -20.33 24.94 -5.92
C VAL B 34 -21.60 24.53 -5.20
N GLN B 35 -21.48 24.19 -3.92
CA GLN B 35 -22.61 24.08 -2.99
C GLN B 35 -22.30 24.99 -1.80
N ARG B 36 -23.33 25.56 -1.17
CA ARG B 36 -23.08 26.37 0.04
C ARG B 36 -24.17 26.12 1.09
N TRP B 37 -23.81 26.31 2.35
CA TRP B 37 -24.72 26.26 3.52
C TRP B 37 -24.49 27.51 4.35
N GLY B 38 -25.57 28.23 4.70
CA GLY B 38 -25.44 29.48 5.46
C GLY B 38 -25.53 30.71 4.57
N GLU B 39 -26.00 31.81 5.12
CA GLU B 39 -26.07 33.09 4.37
C GLU B 39 -24.69 33.74 4.24
N LEU B 40 -24.42 34.38 3.08
CA LEU B 40 -23.25 35.27 2.86
C LEU B 40 -23.47 36.58 3.62
N ALA B 41 -22.56 37.02 4.49
CA ALA B 41 -22.76 38.29 5.23
C ALA B 41 -22.70 39.42 4.21
N PRO B 42 -23.40 40.56 4.44
CA PRO B 42 -23.27 41.70 3.53
C PRO B 42 -21.82 42.13 3.25
N ASP B 43 -20.95 42.08 4.27
CA ASP B 43 -19.53 42.46 4.12
C ASP B 43 -18.70 41.31 3.47
N ARG B 44 -19.32 40.17 3.13
CA ARG B 44 -18.72 38.97 2.47
C ARG B 44 -17.55 38.43 3.30
N GLY B 45 -17.55 38.72 4.59
CA GLY B 45 -16.44 38.40 5.51
C GLY B 45 -16.55 37.05 6.19
N ASN B 46 -17.56 36.25 5.88
CA ASN B 46 -17.91 35.06 6.71
C ASN B 46 -17.83 33.77 5.88
N VAL B 47 -16.94 33.72 4.90
CA VAL B 47 -16.85 32.52 4.04
C VAL B 47 -15.88 31.49 4.63
N VAL B 48 -16.35 30.26 4.75
CA VAL B 48 -15.55 29.08 5.16
C VAL B 48 -15.49 28.17 3.95
N MET B 49 -14.27 28.02 3.42
CA MET B 49 -14.07 27.21 2.22
C MET B 49 -13.79 25.79 2.68
N VAL B 50 -14.62 24.85 2.29
CA VAL B 50 -14.51 23.43 2.70
C VAL B 50 -13.96 22.68 1.49
N LEU B 51 -12.79 22.09 1.65
CA LEU B 51 -12.00 21.58 0.52
C LEU B 51 -11.98 20.07 0.61
N HIS B 52 -12.63 19.41 -0.35
CA HIS B 52 -12.80 17.93 -0.37
C HIS B 52 -11.49 17.19 -0.75
N ALA B 53 -11.48 15.89 -0.42
CA ALA B 53 -10.33 15.02 -0.67
C ALA B 53 -10.50 14.24 -1.98
N LEU B 54 -9.65 13.24 -2.24
CA LEU B 54 -9.47 12.68 -3.61
C LEU B 54 -10.83 12.34 -4.26
N THR B 55 -11.70 11.60 -3.57
CA THR B 55 -12.95 11.11 -4.19
C THR B 55 -14.14 11.90 -3.66
N GLY B 56 -13.92 12.96 -2.89
CA GLY B 56 -14.98 13.84 -2.42
C GLY B 56 -15.60 14.65 -3.54
N ASP B 57 -16.60 15.43 -3.18
CA ASP B 57 -17.22 16.39 -4.12
C ASP B 57 -17.77 17.56 -3.31
N SER B 58 -18.62 18.41 -3.91
CA SER B 58 -19.14 19.63 -3.21
C SER B 58 -20.16 19.26 -2.14
N HIS B 59 -20.58 17.99 -2.06
CA HIS B 59 -21.69 17.55 -1.16
C HIS B 59 -21.11 17.25 0.24
N VAL B 60 -20.87 18.30 0.99
CA VAL B 60 -20.18 18.20 2.32
C VAL B 60 -21.14 17.58 3.32
N THR B 61 -22.42 17.95 3.24
CA THR B 61 -23.39 17.64 4.33
C THR B 61 -24.76 17.50 3.70
N GLY B 62 -25.59 16.76 4.41
CA GLY B 62 -26.98 16.51 3.95
C GLY B 62 -27.16 15.08 3.50
N PRO B 63 -28.43 14.70 3.27
CA PRO B 63 -28.73 13.34 2.89
C PRO B 63 -28.47 13.08 1.40
N ALA B 64 -28.44 11.79 1.10
CA ALA B 64 -28.45 11.27 -0.27
C ALA B 64 -29.74 11.72 -0.94
N GLY B 65 -29.75 11.68 -2.27
CA GLY B 65 -30.93 12.08 -3.07
C GLY B 65 -30.69 13.37 -3.81
N ASP B 66 -31.59 13.73 -4.73
CA ASP B 66 -31.54 14.99 -5.52
C ASP B 66 -30.16 15.10 -6.19
N GLY B 67 -29.70 14.00 -6.81
CA GLY B 67 -28.45 13.91 -7.60
C GLY B 67 -27.25 13.43 -6.80
N HIS B 68 -27.43 13.14 -5.51
CA HIS B 68 -26.33 12.71 -4.61
C HIS B 68 -26.49 11.25 -4.20
N PRO B 69 -25.55 10.34 -4.56
CA PRO B 69 -25.70 8.92 -4.28
C PRO B 69 -25.69 8.58 -2.79
N THR B 70 -24.96 9.35 -1.98
CA THR B 70 -24.85 9.12 -0.52
C THR B 70 -24.92 10.45 0.23
N ALA B 71 -25.14 10.34 1.51
CA ALA B 71 -25.05 11.47 2.46
C ALA B 71 -23.72 12.20 2.24
N GLY B 72 -23.65 13.45 2.69
CA GLY B 72 -22.46 14.29 2.52
C GLY B 72 -21.27 13.61 3.11
N TRP B 73 -20.09 13.86 2.55
CA TRP B 73 -18.86 13.20 3.06
C TRP B 73 -18.45 13.63 4.45
N TRP B 74 -18.87 14.83 4.90
CA TRP B 74 -18.70 15.32 6.29
C TRP B 74 -20.09 15.60 6.89
N ASP B 75 -21.05 14.69 6.64
CA ASP B 75 -22.45 14.88 7.09
C ASP B 75 -22.48 15.27 8.56
N GLY B 76 -23.17 16.39 8.82
CA GLY B 76 -23.35 16.91 10.18
C GLY B 76 -22.44 18.08 10.44
N VAL B 77 -21.41 18.34 9.64
CA VAL B 77 -20.35 19.32 10.02
C VAL B 77 -20.86 20.75 9.96
N ALA B 78 -21.85 21.02 9.12
CA ALA B 78 -22.37 22.38 8.85
C ALA B 78 -23.87 22.38 9.16
N GLY B 79 -24.27 23.34 9.97
CA GLY B 79 -25.67 23.44 10.37
C GLY B 79 -25.75 24.41 11.52
N PRO B 80 -26.95 24.70 12.02
CA PRO B 80 -27.09 25.55 13.20
C PRO B 80 -26.34 25.02 14.42
N GLY B 81 -25.40 25.80 14.93
CA GLY B 81 -24.62 25.45 16.12
C GLY B 81 -23.70 24.26 15.91
N ALA B 82 -23.44 23.90 14.65
CA ALA B 82 -22.59 22.74 14.31
C ALA B 82 -21.17 23.25 14.24
N PRO B 83 -20.16 22.37 14.05
CA PRO B 83 -18.78 22.85 14.00
C PRO B 83 -18.55 23.98 13.00
N ILE B 84 -19.21 23.92 11.84
CA ILE B 84 -19.35 25.08 10.94
C ILE B 84 -20.75 25.65 11.15
N ASP B 85 -20.88 26.63 12.01
CA ASP B 85 -22.20 27.12 12.48
C ASP B 85 -22.76 28.03 11.40
N THR B 86 -23.70 27.50 10.63
CA THR B 86 -24.27 28.26 9.49
C THR B 86 -25.15 29.43 9.97
N ASP B 87 -25.39 29.60 11.26
CA ASP B 87 -26.00 30.89 11.70
C ASP B 87 -24.99 32.04 11.51
N HIS B 88 -23.68 31.78 11.46
CA HIS B 88 -22.64 32.83 11.35
C HIS B 88 -21.89 32.72 10.04
N TRP B 89 -21.62 31.49 9.58
CA TRP B 89 -20.74 31.24 8.44
C TRP B 89 -21.51 30.88 7.18
N CYS B 90 -20.91 31.20 6.05
CA CYS B 90 -21.28 30.71 4.72
C CYS B 90 -20.24 29.66 4.34
N ALA B 91 -20.61 28.39 4.52
CA ALA B 91 -19.75 27.25 4.18
C ALA B 91 -19.89 27.02 2.66
N ILE B 92 -18.82 27.19 1.90
CA ILE B 92 -18.81 26.93 0.44
C ILE B 92 -17.87 25.77 0.15
N ALA B 93 -18.32 24.84 -0.65
CA ALA B 93 -17.47 23.76 -1.18
C ALA B 93 -17.56 23.74 -2.69
N THR B 94 -16.44 23.63 -3.34
CA THR B 94 -16.39 23.35 -4.77
C THR B 94 -16.25 21.86 -5.04
N ASN B 95 -16.57 21.44 -6.25
CA ASN B 95 -15.98 20.26 -6.87
C ASN B 95 -14.65 20.70 -7.44
N VAL B 96 -13.58 20.03 -7.06
CA VAL B 96 -12.22 20.41 -7.45
C VAL B 96 -12.10 20.39 -8.98
N LEU B 97 -11.26 21.26 -9.47
CA LEU B 97 -10.78 21.19 -10.88
C LEU B 97 -10.23 19.79 -11.13
N GLY B 98 -10.64 19.15 -12.24
CA GLY B 98 -10.25 17.77 -12.52
C GLY B 98 -11.30 16.78 -12.12
N GLY B 99 -12.26 17.25 -11.32
CA GLY B 99 -13.31 16.42 -10.75
C GLY B 99 -14.29 15.90 -11.78
N CYS B 100 -15.22 15.09 -11.31
CA CYS B 100 -16.24 14.42 -12.16
C CYS B 100 -17.65 14.66 -11.63
N ARG B 101 -17.85 15.63 -10.76
CA ARG B 101 -19.18 15.90 -10.13
C ARG B 101 -19.60 17.35 -10.39
N GLY B 102 -19.32 17.85 -11.58
CA GLY B 102 -19.86 19.12 -12.07
C GLY B 102 -18.77 20.06 -12.52
N SER B 103 -17.54 19.95 -12.01
CA SER B 103 -16.43 20.80 -12.48
C SER B 103 -15.79 20.18 -13.73
N THR B 104 -15.07 21.05 -14.44
CA THR B 104 -14.28 20.69 -15.62
C THR B 104 -13.28 19.62 -15.21
N GLY B 105 -13.31 18.49 -15.87
CA GLY B 105 -12.37 17.39 -15.69
C GLY B 105 -12.21 16.64 -17.01
N PRO B 106 -11.53 15.49 -16.98
CA PRO B 106 -11.25 14.73 -18.20
C PRO B 106 -12.52 14.24 -18.91
N GLY B 107 -13.62 14.04 -18.19
CA GLY B 107 -14.92 13.66 -18.80
C GLY B 107 -15.61 14.83 -19.47
N SER B 108 -15.25 16.05 -19.12
CA SER B 108 -15.89 17.28 -19.67
C SER B 108 -15.55 17.42 -21.16
N LEU B 109 -16.38 18.17 -21.90
CA LEU B 109 -16.17 18.34 -23.35
C LEU B 109 -15.13 19.44 -23.61
N ALA B 110 -14.11 19.14 -24.41
CA ALA B 110 -13.07 20.10 -24.87
C ALA B 110 -13.69 20.97 -25.96
N PRO B 111 -13.02 22.07 -26.37
CA PRO B 111 -13.55 22.93 -27.44
C PRO B 111 -13.90 22.21 -28.75
N ASP B 112 -13.21 21.11 -29.08
CA ASP B 112 -13.42 20.29 -30.30
C ASP B 112 -14.68 19.41 -30.16
N GLY B 113 -15.45 19.52 -29.07
CA GLY B 113 -16.69 18.76 -28.85
C GLY B 113 -16.46 17.33 -28.36
N LYS B 114 -15.23 16.88 -28.14
CA LYS B 114 -14.97 15.51 -27.65
C LYS B 114 -14.50 15.64 -26.21
N PRO B 115 -14.69 14.60 -25.35
CA PRO B 115 -14.17 14.69 -23.98
C PRO B 115 -12.70 15.08 -23.98
N TRP B 116 -12.27 15.85 -22.98
CA TRP B 116 -10.84 16.15 -22.81
C TRP B 116 -10.03 14.86 -22.87
N GLY B 117 -10.37 13.86 -22.06
CA GLY B 117 -9.61 12.60 -21.98
C GLY B 117 -8.10 12.81 -21.90
N SER B 118 -7.34 12.26 -22.85
CA SER B 118 -5.87 12.28 -22.85
C SER B 118 -5.36 13.71 -23.07
N ARG B 119 -6.21 14.63 -23.53
CA ARG B 119 -5.85 16.04 -23.79
C ARG B 119 -5.97 16.86 -22.50
N PHE B 120 -6.57 16.33 -21.45
CA PHE B 120 -6.75 17.09 -20.20
C PHE B 120 -5.34 17.41 -19.71
N PRO B 121 -5.09 18.67 -19.32
CA PRO B 121 -3.77 19.06 -18.88
C PRO B 121 -3.42 18.41 -17.54
N GLN B 122 -2.11 18.27 -17.32
N GLN B 122 -2.12 18.33 -17.27
CA GLN B 122 -1.57 18.03 -15.97
CA GLN B 122 -1.65 17.92 -15.93
C GLN B 122 -2.00 19.23 -15.15
C GLN B 122 -1.80 19.12 -15.00
N ILE B 123 -2.67 18.99 -14.02
CA ILE B 123 -2.94 20.06 -13.02
C ILE B 123 -2.21 19.76 -11.72
N THR B 124 -1.99 20.84 -10.98
CA THR B 124 -1.38 20.77 -9.62
C THR B 124 -2.40 21.13 -8.56
N ILE B 125 -2.02 21.00 -7.29
CA ILE B 125 -2.86 21.52 -6.18
C ILE B 125 -2.98 23.05 -6.36
N ARG B 126 -1.92 23.70 -6.85
CA ARG B 126 -1.98 25.16 -6.98
C ARG B 126 -3.02 25.54 -8.04
N ASP B 127 -3.13 24.71 -9.08
CA ASP B 127 -4.15 24.97 -10.09
C ASP B 127 -5.54 24.81 -9.47
N GLN B 128 -5.70 23.84 -8.58
CA GLN B 128 -7.01 23.63 -7.89
C GLN B 128 -7.36 24.85 -7.04
N VAL B 129 -6.41 25.41 -6.32
CA VAL B 129 -6.59 26.69 -5.56
C VAL B 129 -6.98 27.80 -6.54
N ALA B 130 -6.25 27.89 -7.65
CA ALA B 130 -6.49 29.03 -8.58
C ALA B 130 -7.91 28.94 -9.12
N ALA B 131 -8.39 27.74 -9.43
CA ALA B 131 -9.76 27.58 -9.97
C ALA B 131 -10.79 27.94 -8.90
N ASP B 132 -10.59 27.50 -7.65
CA ASP B 132 -11.51 27.81 -6.55
C ASP B 132 -11.51 29.33 -6.28
N ARG B 133 -10.35 29.96 -6.28
CA ARG B 133 -10.23 31.43 -6.10
C ARG B 133 -11.03 32.13 -7.20
N ALA B 134 -10.89 31.68 -8.45
CA ALA B 134 -11.62 32.29 -9.59
C ALA B 134 -13.13 32.10 -9.40
N ALA B 135 -13.58 30.95 -8.97
CA ALA B 135 -15.02 30.65 -8.75
C ALA B 135 -15.53 31.62 -7.70
N LEU B 136 -14.79 31.75 -6.60
CA LEU B 136 -15.15 32.72 -5.53
C LEU B 136 -15.21 34.15 -6.10
N ALA B 137 -14.23 34.56 -6.87
CA ALA B 137 -14.15 35.91 -7.45
C ALA B 137 -15.38 36.11 -8.36
N ALA B 138 -15.80 35.08 -9.11
CA ALA B 138 -16.99 35.19 -9.99
C ALA B 138 -18.26 35.36 -9.14
N LEU B 139 -18.29 34.81 -7.92
CA LEU B 139 -19.37 35.00 -6.92
C LEU B 139 -19.20 36.29 -6.10
N GLY B 140 -18.24 37.15 -6.42
CA GLY B 140 -17.99 38.43 -5.69
C GLY B 140 -17.28 38.27 -4.36
N ILE B 141 -16.57 37.16 -4.17
CA ILE B 141 -15.88 36.86 -2.89
C ILE B 141 -14.38 36.90 -3.16
N THR B 142 -13.68 37.80 -2.46
CA THR B 142 -12.22 38.05 -2.64
C THR B 142 -11.42 37.68 -1.39
N GLU B 143 -12.09 37.53 -0.23
CA GLU B 143 -11.47 37.23 1.10
C GLU B 143 -12.16 35.98 1.63
N VAL B 144 -11.44 35.10 2.34
CA VAL B 144 -12.15 33.99 3.03
C VAL B 144 -11.78 34.07 4.51
N ALA B 145 -12.76 33.81 5.37
CA ALA B 145 -12.48 33.76 6.82
C ALA B 145 -11.57 32.55 7.08
N ALA B 146 -11.94 31.39 6.57
CA ALA B 146 -11.17 30.17 6.86
C ALA B 146 -11.19 29.20 5.68
N VAL B 147 -10.10 28.45 5.55
CA VAL B 147 -10.05 27.27 4.67
C VAL B 147 -9.95 26.06 5.58
N VAL B 148 -10.70 25.01 5.27
CA VAL B 148 -10.68 23.77 6.07
C VAL B 148 -10.62 22.56 5.16
N GLY B 149 -9.72 21.60 5.44
CA GLY B 149 -9.69 20.39 4.62
C GLY B 149 -8.82 19.34 5.22
N GLY B 150 -9.14 18.07 4.94
CA GLY B 150 -8.30 16.93 5.31
C GLY B 150 -7.79 16.23 4.06
N SER B 151 -6.60 15.64 4.13
CA SER B 151 -6.11 14.74 3.06
C SER B 151 -5.79 15.60 1.83
N MET B 152 -6.23 15.27 0.63
CA MET B 152 -6.04 16.19 -0.53
C MET B 152 -6.66 17.56 -0.20
N GLY B 153 -7.71 17.60 0.66
CA GLY B 153 -8.29 18.91 0.99
C GLY B 153 -7.41 19.71 1.92
N GLY B 154 -6.61 19.00 2.72
CA GLY B 154 -5.56 19.63 3.53
C GLY B 154 -4.43 20.18 2.67
N ALA B 155 -4.10 19.48 1.58
CA ALA B 155 -3.10 20.01 0.63
C ALA B 155 -3.64 21.30 0.00
N ARG B 156 -4.91 21.29 -0.40
CA ARG B 156 -5.56 22.48 -0.99
C ARG B 156 -5.56 23.61 0.05
N ALA B 157 -5.95 23.32 1.29
CA ALA B 157 -6.04 24.33 2.36
C ALA B 157 -4.67 24.93 2.59
N LEU B 158 -3.65 24.08 2.69
CA LEU B 158 -2.27 24.54 2.97
C LEU B 158 -1.75 25.42 1.83
N GLU B 159 -1.97 25.03 0.58
CA GLU B 159 -1.54 25.87 -0.55
C GLU B 159 -2.31 27.19 -0.52
N TRP B 160 -3.59 27.14 -0.20
CA TRP B 160 -4.39 28.38 -0.16
C TRP B 160 -3.78 29.33 0.88
N LEU B 161 -3.43 28.87 2.07
CA LEU B 161 -2.86 29.67 3.19
C LEU B 161 -1.52 30.25 2.75
N VAL B 162 -0.70 29.44 2.14
CA VAL B 162 0.68 29.86 1.78
C VAL B 162 0.65 30.80 0.58
N THR B 163 -0.22 30.53 -0.37
CA THR B 163 -0.29 31.32 -1.61
C THR B 163 -1.01 32.65 -1.36
N HIS B 164 -2.06 32.67 -0.54
CA HIS B 164 -2.92 33.87 -0.36
C HIS B 164 -3.07 34.26 1.11
N PRO B 165 -1.98 34.47 1.84
CA PRO B 165 -2.11 34.71 3.28
C PRO B 165 -2.85 36.00 3.63
N ASP B 166 -2.78 36.98 2.73
CA ASP B 166 -3.49 38.26 2.95
C ASP B 166 -5.01 38.10 2.81
N ASP B 167 -5.51 36.98 2.28
CA ASP B 167 -6.91 36.81 1.89
C ASP B 167 -7.55 35.60 2.60
N VAL B 168 -6.95 35.12 3.67
CA VAL B 168 -7.56 34.10 4.56
C VAL B 168 -7.22 34.48 5.99
N ARG B 169 -8.16 34.35 6.89
CA ARG B 169 -7.87 34.67 8.31
C ARG B 169 -7.31 33.47 9.08
N ALA B 170 -7.75 32.25 8.81
CA ALA B 170 -7.23 31.09 9.56
C ALA B 170 -7.46 29.85 8.72
N GLY B 171 -6.78 28.76 9.06
CA GLY B 171 -7.00 27.50 8.37
C GLY B 171 -6.91 26.29 9.27
N LEU B 172 -7.58 25.24 8.83
CA LEU B 172 -7.41 23.87 9.35
C LEU B 172 -6.74 23.04 8.27
N VAL B 173 -5.55 22.56 8.58
CA VAL B 173 -4.77 21.67 7.70
C VAL B 173 -4.70 20.32 8.40
N LEU B 174 -5.43 19.33 7.94
CA LEU B 174 -5.67 18.04 8.62
C LEU B 174 -5.13 16.89 7.76
N ALA B 175 -4.26 16.06 8.35
CA ALA B 175 -3.90 14.75 7.76
C ALA B 175 -3.34 14.96 6.35
N VAL B 176 -2.27 15.74 6.28
CA VAL B 176 -1.50 15.92 5.04
C VAL B 176 -0.09 16.34 5.45
N GLY B 177 0.82 16.37 4.48
CA GLY B 177 2.19 16.88 4.66
C GLY B 177 2.40 18.17 3.89
N ALA B 178 3.58 18.74 3.98
CA ALA B 178 4.03 19.97 3.28
C ALA B 178 4.27 19.68 1.79
N ARG B 179 4.68 18.44 1.50
CA ARG B 179 4.90 17.97 0.14
C ARG B 179 4.53 16.49 0.08
N ALA B 180 4.24 16.00 -1.11
CA ALA B 180 4.14 14.57 -1.32
C ALA B 180 5.44 13.89 -0.93
N THR B 181 5.30 12.73 -0.30
CA THR B 181 6.42 11.90 0.15
C THR B 181 6.68 10.82 -0.91
N ALA B 182 7.84 10.19 -0.83
CA ALA B 182 8.15 9.10 -1.76
C ALA B 182 7.10 8.01 -1.65
N ASP B 183 6.68 7.65 -0.46
CA ASP B 183 5.66 6.56 -0.34
C ASP B 183 4.34 7.00 -0.99
N GLN B 184 3.90 8.24 -0.77
CA GLN B 184 2.64 8.75 -1.37
C GLN B 184 2.79 8.68 -2.89
N ILE B 185 3.87 9.18 -3.45
CA ILE B 185 4.03 9.19 -4.91
C ILE B 185 4.11 7.75 -5.40
N GLY B 186 4.76 6.91 -4.63
CA GLY B 186 4.82 5.49 -5.02
C GLY B 186 3.46 4.87 -5.15
N THR B 187 2.61 5.00 -4.14
CA THR B 187 1.26 4.36 -4.20
C THR B 187 0.40 5.07 -5.23
N GLN B 188 0.49 6.39 -5.29
CA GLN B 188 -0.36 7.17 -6.22
C GLN B 188 0.01 6.82 -7.66
N SER B 189 1.28 6.78 -7.98
CA SER B 189 1.74 6.53 -9.37
C SER B 189 1.39 5.08 -9.72
N THR B 190 1.48 4.16 -8.77
CA THR B 190 1.16 2.73 -9.03
C THR B 190 -0.34 2.55 -9.14
N GLN B 191 -1.16 3.30 -8.38
CA GLN B 191 -2.64 3.28 -8.58
C GLN B 191 -2.93 3.75 -10.00
N VAL B 192 -2.29 4.85 -10.39
CA VAL B 192 -2.48 5.37 -11.77
C VAL B 192 -2.07 4.27 -12.76
N ALA B 193 -0.95 3.60 -12.53
CA ALA B 193 -0.48 2.57 -13.48
C ALA B 193 -1.52 1.42 -13.58
N ALA B 194 -2.18 1.07 -12.50
CA ALA B 194 -3.23 0.02 -12.51
C ALA B 194 -4.43 0.43 -13.36
N ILE B 195 -4.75 1.73 -13.39
CA ILE B 195 -5.83 2.24 -14.25
C ILE B 195 -5.36 2.17 -15.71
N LYS B 196 -4.18 2.70 -15.99
CA LYS B 196 -3.64 2.78 -17.38
C LYS B 196 -3.38 1.38 -17.92
N ALA B 197 -3.12 0.38 -17.07
CA ALA B 197 -2.94 -1.05 -17.51
C ALA B 197 -4.24 -1.65 -18.05
N ASP B 198 -5.39 -1.14 -17.66
CA ASP B 198 -6.72 -1.71 -17.97
C ASP B 198 -6.93 -1.49 -19.46
N PRO B 199 -7.22 -2.52 -20.28
CA PRO B 199 -7.30 -2.29 -21.72
C PRO B 199 -8.41 -1.28 -22.08
N ASP B 200 -9.43 -1.08 -21.22
CA ASP B 200 -10.51 -0.12 -21.53
C ASP B 200 -10.09 1.34 -21.24
N TRP B 201 -8.85 1.58 -20.82
CA TRP B 201 -8.31 2.95 -20.62
C TRP B 201 -8.26 3.69 -21.97
N GLN B 202 -7.94 2.98 -23.06
CA GLN B 202 -7.95 3.58 -24.42
C GLN B 202 -7.17 4.89 -24.41
N GLY B 203 -6.01 4.87 -23.75
CA GLY B 203 -5.10 6.02 -23.68
C GLY B 203 -5.66 7.19 -22.87
N GLY B 204 -6.79 7.05 -22.18
CA GLY B 204 -7.48 8.11 -21.46
C GLY B 204 -8.68 8.63 -22.22
N ASP B 205 -8.88 8.14 -23.47
CA ASP B 205 -10.00 8.61 -24.33
C ASP B 205 -11.09 7.52 -24.39
N TYR B 206 -11.49 6.98 -23.25
CA TYR B 206 -12.57 5.95 -23.15
C TYR B 206 -13.94 6.59 -23.00
N HIS B 207 -13.98 7.88 -22.63
CA HIS B 207 -15.20 8.64 -22.28
C HIS B 207 -16.09 8.63 -23.52
N GLY B 208 -17.30 8.14 -23.35
CA GLY B 208 -18.31 8.11 -24.42
C GLY B 208 -18.10 6.95 -25.37
N THR B 209 -17.29 5.95 -25.02
CA THR B 209 -17.07 4.75 -25.87
C THR B 209 -17.95 3.57 -25.43
N GLY B 210 -18.58 3.66 -24.26
CA GLY B 210 -19.31 2.54 -23.64
C GLY B 210 -18.39 1.54 -22.94
N ARG B 211 -17.07 1.74 -22.99
CA ARG B 211 -16.09 0.91 -22.21
C ARG B 211 -15.34 1.88 -21.28
N ALA B 212 -14.99 1.44 -20.08
CA ALA B 212 -14.26 2.29 -19.10
C ALA B 212 -13.38 1.41 -18.26
N PRO B 213 -12.20 1.92 -17.82
CA PRO B 213 -11.28 1.12 -17.01
C PRO B 213 -11.68 1.08 -15.53
N THR B 214 -12.93 0.70 -15.25
CA THR B 214 -13.46 0.53 -13.89
C THR B 214 -12.62 -0.55 -13.17
N GLU B 215 -12.26 -1.64 -13.84
CA GLU B 215 -11.58 -2.78 -13.18
C GLU B 215 -10.23 -2.28 -12.65
N GLY B 216 -9.50 -1.49 -13.44
CA GLY B 216 -8.18 -0.99 -12.98
C GLY B 216 -8.37 0.02 -11.85
N MET B 217 -9.41 0.84 -11.92
CA MET B 217 -9.66 1.80 -10.82
C MET B 217 -10.07 1.05 -9.56
N GLU B 218 -10.82 -0.05 -9.67
CA GLU B 218 -11.19 -0.86 -8.50
C GLU B 218 -9.91 -1.39 -7.83
N ILE B 219 -8.96 -1.89 -8.61
CA ILE B 219 -7.65 -2.35 -8.06
C ILE B 219 -6.98 -1.17 -7.34
N ALA B 220 -6.88 -0.02 -8.02
CA ALA B 220 -6.24 1.19 -7.42
C ALA B 220 -6.90 1.50 -6.07
N ARG B 221 -8.23 1.56 -6.06
CA ARG B 221 -9.01 1.91 -4.87
C ARG B 221 -8.79 0.90 -3.74
N ARG B 222 -8.69 -0.40 -4.03
CA ARG B 222 -8.42 -1.40 -2.98
C ARG B 222 -7.08 -1.10 -2.30
N PHE B 223 -6.04 -0.82 -3.09
CA PHE B 223 -4.73 -0.48 -2.51
C PHE B 223 -4.84 0.84 -1.72
N ALA B 224 -5.49 1.85 -2.27
CA ALA B 224 -5.64 3.14 -1.57
C ALA B 224 -6.37 2.91 -0.26
N HIS B 225 -7.46 2.13 -0.28
CA HIS B 225 -8.26 1.89 0.93
C HIS B 225 -7.32 1.34 2.01
N LEU B 226 -6.42 0.38 1.69
CA LEU B 226 -5.50 -0.15 2.73
C LEU B 226 -4.66 1.02 3.27
N THR B 227 -4.19 1.90 2.39
CA THR B 227 -3.34 3.02 2.90
C THR B 227 -4.15 3.89 3.88
N TYR B 228 -5.48 3.93 3.75
CA TYR B 228 -6.37 4.73 4.61
C TYR B 228 -6.68 4.10 5.94
N ARG B 229 -6.36 2.81 6.11
CA ARG B 229 -6.74 2.10 7.33
C ARG B 229 -5.65 2.10 8.40
N GLY B 230 -6.08 1.97 9.64
CA GLY B 230 -5.18 1.64 10.77
C GLY B 230 -4.93 0.14 10.79
N GLU B 231 -3.68 -0.27 10.70
CA GLU B 231 -3.32 -1.69 10.58
C GLU B 231 -3.96 -2.47 11.72
N GLU B 232 -3.82 -2.00 12.96
CA GLU B 232 -4.28 -2.81 14.11
C GLU B 232 -5.80 -2.90 14.06
N GLU B 233 -6.50 -1.79 13.76
CA GLU B 233 -7.96 -1.82 13.71
C GLU B 233 -8.43 -2.80 12.64
N LEU B 234 -7.75 -2.81 11.50
CA LEU B 234 -8.18 -3.66 10.36
C LEU B 234 -8.07 -5.12 10.79
N ASP B 235 -7.00 -5.48 11.45
CA ASP B 235 -6.84 -6.87 11.95
C ASP B 235 -7.87 -7.15 13.05
N ASP B 236 -8.10 -6.24 13.97
CA ASP B 236 -9.13 -6.48 15.01
C ASP B 236 -10.48 -6.70 14.34
N ARG B 237 -10.79 -6.00 13.26
CA ARG B 237 -12.11 -6.05 12.59
C ARG B 237 -12.27 -7.35 11.81
N PHE B 238 -11.29 -7.71 10.98
CA PHE B 238 -11.46 -8.84 10.04
C PHE B 238 -10.58 -10.05 10.35
N ALA B 239 -9.43 -9.82 10.95
CA ALA B 239 -8.35 -10.80 11.12
C ALA B 239 -8.21 -11.56 9.78
N ASN B 240 -8.06 -12.88 9.86
CA ASN B 240 -7.95 -13.79 8.69
C ASN B 240 -9.28 -14.55 8.59
N THR B 241 -10.36 -14.00 9.12
CA THR B 241 -11.67 -14.66 9.05
C THR B 241 -12.10 -14.76 7.62
N PRO B 242 -12.75 -15.88 7.28
CA PRO B 242 -13.33 -16.05 5.96
C PRO B 242 -14.54 -15.15 5.79
N GLN B 243 -14.89 -14.87 4.53
CA GLN B 243 -16.15 -14.16 4.21
C GLN B 243 -17.29 -15.17 4.41
N ASP B 244 -18.26 -14.85 5.29
CA ASP B 244 -19.49 -15.65 5.50
C ASP B 244 -19.11 -17.14 5.56
N ASP B 245 -19.61 -18.00 4.65
CA ASP B 245 -19.39 -19.46 4.68
C ASP B 245 -18.41 -19.91 3.61
N GLU B 246 -17.68 -18.97 2.98
CA GLU B 246 -16.69 -19.34 1.95
C GLU B 246 -15.49 -19.99 2.64
N ASP B 247 -14.76 -20.79 1.88
CA ASP B 247 -13.61 -21.56 2.39
C ASP B 247 -12.37 -21.14 1.62
N PRO B 248 -11.58 -20.20 2.19
CA PRO B 248 -10.35 -19.76 1.53
C PRO B 248 -9.36 -20.87 1.20
N LEU B 249 -9.35 -22.00 1.90
CA LEU B 249 -8.43 -23.15 1.67
C LEU B 249 -8.75 -23.83 0.33
N THR B 250 -9.94 -23.59 -0.23
CA THR B 250 -10.30 -24.15 -1.56
C THR B 250 -10.80 -23.02 -2.44
N GLY B 251 -10.25 -21.81 -2.26
CA GLY B 251 -10.39 -20.69 -3.21
C GLY B 251 -11.42 -19.66 -2.82
N GLY B 252 -12.06 -19.77 -1.66
CA GLY B 252 -13.06 -18.78 -1.23
C GLY B 252 -12.35 -17.49 -0.83
N ARG B 253 -13.11 -16.46 -0.49
CA ARG B 253 -12.57 -15.13 -0.07
C ARG B 253 -12.43 -15.05 1.44
N TYR B 254 -11.49 -14.23 1.86
CA TYR B 254 -11.40 -13.72 3.25
C TYR B 254 -12.35 -12.53 3.41
N ALA B 255 -12.74 -12.25 4.65
CA ALA B 255 -13.63 -11.13 4.97
C ALA B 255 -12.98 -9.79 4.53
N VAL B 256 -11.69 -9.60 4.79
CA VAL B 256 -11.08 -8.28 4.43
C VAL B 256 -11.01 -8.15 2.90
N GLN B 257 -10.84 -9.27 2.21
CA GLN B 257 -10.79 -9.32 0.74
C GLN B 257 -12.16 -8.94 0.17
N SER B 258 -13.23 -9.57 0.66
CA SER B 258 -14.61 -9.24 0.22
C SER B 258 -14.91 -7.77 0.47
N TYR B 259 -14.48 -7.26 1.61
CA TYR B 259 -14.69 -5.84 1.97
C TYR B 259 -14.00 -4.94 0.95
N LEU B 260 -12.75 -5.28 0.63
CA LEU B 260 -12.00 -4.45 -0.33
C LEU B 260 -12.69 -4.50 -1.70
N GLU B 261 -13.20 -5.67 -2.09
CA GLU B 261 -13.90 -5.79 -3.38
C GLU B 261 -15.10 -4.86 -3.37
N TYR B 262 -15.84 -4.85 -2.27
CA TYR B 262 -17.05 -4.00 -2.11
C TYR B 262 -16.64 -2.51 -2.22
N GLN B 263 -15.57 -2.10 -1.54
CA GLN B 263 -15.09 -0.70 -1.63
C GLN B 263 -14.77 -0.36 -3.09
N GLY B 264 -14.13 -1.24 -3.82
CA GLY B 264 -13.77 -0.97 -5.22
C GLY B 264 -15.04 -0.75 -6.01
N GLY B 265 -15.98 -1.67 -5.87
CA GLY B 265 -17.28 -1.55 -6.57
C GLY B 265 -18.01 -0.25 -6.26
N LYS B 266 -18.06 0.14 -5.00
CA LYS B 266 -18.77 1.38 -4.61
C LYS B 266 -18.16 2.56 -5.36
N LEU B 267 -16.83 2.61 -5.45
CA LEU B 267 -16.22 3.74 -6.16
C LEU B 267 -16.56 3.71 -7.66
N ALA B 268 -16.55 2.52 -8.27
CA ALA B 268 -16.79 2.36 -9.73
C ALA B 268 -18.21 2.81 -10.03
N ARG B 269 -19.13 2.78 -9.08
CA ARG B 269 -20.51 3.22 -9.36
C ARG B 269 -20.63 4.75 -9.33
N ARG B 270 -19.66 5.50 -8.80
CA ARG B 270 -19.85 6.95 -8.56
C ARG B 270 -18.70 7.80 -9.06
N PHE B 271 -17.58 7.22 -9.53
CA PHE B 271 -16.35 8.02 -9.76
C PHE B 271 -15.67 7.66 -11.06
N ASP B 272 -15.12 8.68 -11.72
CA ASP B 272 -14.50 8.54 -13.06
C ASP B 272 -13.03 8.15 -12.96
N PRO B 273 -12.58 7.08 -13.64
CA PRO B 273 -11.17 6.71 -13.66
C PRO B 273 -10.19 7.81 -14.08
N GLY B 274 -10.56 8.57 -15.12
CA GLY B 274 -9.70 9.64 -15.61
C GLY B 274 -9.51 10.74 -14.54
N THR B 275 -10.59 11.08 -13.85
CA THR B 275 -10.52 11.98 -12.68
C THR B 275 -9.60 11.36 -11.63
N TYR B 276 -9.75 10.07 -11.34
CA TYR B 276 -8.85 9.42 -10.36
C TYR B 276 -7.39 9.68 -10.77
N VAL B 277 -7.07 9.47 -12.05
CA VAL B 277 -5.70 9.66 -12.57
C VAL B 277 -5.25 11.11 -12.35
N VAL B 278 -6.05 12.05 -12.84
CA VAL B 278 -5.68 13.48 -12.80
C VAL B 278 -5.48 13.91 -11.36
N LEU B 279 -6.38 13.52 -10.45
CA LEU B 279 -6.27 14.03 -9.05
C LEU B 279 -5.14 13.30 -8.34
N SER B 280 -4.90 12.03 -8.67
CA SER B 280 -3.77 11.30 -8.06
C SER B 280 -2.46 11.97 -8.48
N ASP B 281 -2.33 12.34 -9.76
CA ASP B 281 -1.12 13.04 -10.23
C ASP B 281 -1.03 14.40 -9.56
N ALA B 282 -2.13 15.10 -9.35
CA ALA B 282 -2.09 16.41 -8.64
C ALA B 282 -1.62 16.19 -7.19
N LEU B 283 -2.02 15.07 -6.57
CA LEU B 283 -1.50 14.81 -5.20
C LEU B 283 -0.01 14.55 -5.26
N SER B 284 0.49 13.86 -6.28
CA SER B 284 1.95 13.58 -6.34
C SER B 284 2.76 14.87 -6.49
N SER B 285 2.19 15.87 -7.17
CA SER B 285 2.74 17.24 -7.43
C SER B 285 2.78 18.07 -6.15
N HIS B 286 2.10 17.66 -5.08
CA HIS B 286 1.96 18.54 -3.90
C HIS B 286 3.36 18.90 -3.41
N ASP B 287 3.63 20.19 -3.26
CA ASP B 287 4.90 20.66 -2.70
C ASP B 287 4.80 22.14 -2.40
N VAL B 288 4.52 22.51 -1.17
CA VAL B 288 4.35 23.95 -0.87
C VAL B 288 5.65 24.71 -1.08
N GLY B 289 6.80 24.03 -1.12
CA GLY B 289 8.08 24.69 -1.27
C GLY B 289 8.49 25.01 -2.71
N ARG B 290 7.84 24.45 -3.69
CA ARG B 290 8.23 24.60 -5.11
C ARG B 290 8.19 26.08 -5.49
N GLY B 291 9.29 26.56 -6.06
CA GLY B 291 9.39 27.98 -6.43
C GLY B 291 9.35 28.96 -5.26
N ARG B 292 9.54 28.47 -4.06
CA ARG B 292 9.45 29.27 -2.83
C ARG B 292 10.63 28.97 -1.89
N GLY B 293 11.73 28.42 -2.42
CA GLY B 293 12.94 28.16 -1.62
C GLY B 293 12.80 26.97 -0.70
N GLY B 294 11.83 26.09 -0.98
CA GLY B 294 11.69 24.84 -0.25
C GLY B 294 10.69 24.95 0.89
N VAL B 295 10.34 23.79 1.41
CA VAL B 295 9.21 23.66 2.36
C VAL B 295 9.48 24.48 3.62
N GLU B 296 10.69 24.43 4.16
CA GLU B 296 10.93 25.13 5.42
C GLU B 296 10.78 26.65 5.22
N ALA B 297 11.38 27.22 4.18
CA ALA B 297 11.29 28.67 3.96
C ALA B 297 9.82 29.06 3.70
N ALA B 298 9.12 28.31 2.85
CA ALA B 298 7.72 28.60 2.48
C ALA B 298 6.81 28.59 3.70
N LEU B 299 6.99 27.62 4.62
CA LEU B 299 6.10 27.54 5.78
C LEU B 299 6.51 28.60 6.81
N ARG B 300 7.82 28.84 7.00
CA ARG B 300 8.27 29.79 8.03
C ARG B 300 7.82 31.22 7.70
N SER B 301 7.70 31.59 6.43
CA SER B 301 7.24 32.96 6.13
C SER B 301 5.73 33.05 5.93
N CYS B 302 4.98 31.99 6.16
CA CYS B 302 3.50 32.08 6.08
C CYS B 302 2.94 32.49 7.42
N PRO B 303 2.30 33.66 7.59
CA PRO B 303 1.91 34.12 8.92
C PRO B 303 0.51 33.70 9.39
N VAL B 304 -0.18 32.94 8.57
CA VAL B 304 -1.62 32.68 8.85
C VAL B 304 -1.75 31.80 10.08
N PRO B 305 -2.60 32.17 11.05
CA PRO B 305 -2.98 31.25 12.12
C PRO B 305 -3.53 29.93 11.56
N VAL B 306 -3.01 28.80 12.04
CA VAL B 306 -3.41 27.52 11.43
C VAL B 306 -3.49 26.50 12.57
N VAL B 307 -4.56 25.73 12.53
CA VAL B 307 -4.75 24.47 13.30
C VAL B 307 -4.26 23.34 12.42
N VAL B 308 -3.25 22.61 12.91
CA VAL B 308 -2.67 21.44 12.19
C VAL B 308 -3.11 20.19 12.95
N GLY B 309 -3.89 19.34 12.29
CA GLY B 309 -4.36 18.07 12.86
C GLY B 309 -3.62 16.89 12.26
N GLY B 310 -3.19 15.93 13.07
CA GLY B 310 -2.56 14.70 12.57
C GLY B 310 -3.10 13.50 13.31
N ILE B 311 -3.28 12.39 12.62
CA ILE B 311 -3.98 11.19 13.16
C ILE B 311 -2.92 10.18 13.56
N THR B 312 -2.97 9.71 14.80
CA THR B 312 -1.93 8.83 15.35
C THR B 312 -1.64 7.63 14.43
N SER B 313 -2.65 6.92 13.97
CA SER B 313 -2.52 5.65 13.22
C SER B 313 -2.46 5.85 11.70
N ASP B 314 -2.31 7.11 11.23
CA ASP B 314 -2.30 7.37 9.78
C ASP B 314 -1.09 6.68 9.16
N ARG B 315 -1.32 5.85 8.15
CA ARG B 315 -0.25 5.17 7.40
C ARG B 315 0.09 5.86 6.10
N LEU B 316 -0.75 6.74 5.57
CA LEU B 316 -0.52 7.40 4.27
C LEU B 316 0.08 8.79 4.41
N TYR B 317 -0.37 9.52 5.43
CA TYR B 317 0.20 10.84 5.82
C TYR B 317 0.62 10.75 7.27
N PRO B 318 1.71 9.99 7.53
CA PRO B 318 2.10 9.69 8.91
C PRO B 318 2.37 10.95 9.73
N ILE B 319 2.14 10.80 11.03
CA ILE B 319 2.04 11.98 11.93
C ILE B 319 3.34 12.78 11.94
N ARG B 320 4.49 12.20 11.58
CA ARG B 320 5.71 13.03 11.47
C ARG B 320 5.46 14.21 10.50
N LEU B 321 4.62 14.03 9.48
CA LEU B 321 4.39 15.13 8.53
C LEU B 321 3.64 16.28 9.16
N GLN B 322 2.70 16.00 10.05
CA GLN B 322 1.92 17.06 10.71
C GLN B 322 2.74 17.67 11.84
N GLN B 323 3.60 16.90 12.47
CA GLN B 323 4.55 17.50 13.44
C GLN B 323 5.43 18.52 12.70
N GLU B 324 5.91 18.20 11.51
CA GLU B 324 6.74 19.12 10.70
C GLU B 324 5.93 20.39 10.35
N LEU B 325 4.68 20.26 9.90
CA LEU B 325 3.86 21.45 9.60
C LEU B 325 3.74 22.30 10.89
N ALA B 326 3.44 21.68 12.01
CA ALA B 326 3.14 22.41 13.26
C ALA B 326 4.38 23.12 13.77
N GLU B 327 5.56 22.59 13.54
CA GLU B 327 6.83 23.23 13.94
C GLU B 327 7.14 24.40 13.02
N LEU B 328 6.86 24.28 11.73
CA LEU B 328 7.40 25.28 10.78
C LEU B 328 6.43 26.46 10.64
N LEU B 329 5.13 26.24 10.68
CA LEU B 329 4.15 27.34 10.49
C LEU B 329 4.14 28.19 11.75
N PRO B 330 4.55 29.47 11.70
CA PRO B 330 4.65 30.25 12.92
C PRO B 330 3.29 30.49 13.57
N GLY B 331 2.22 30.48 12.79
CA GLY B 331 0.83 30.66 13.29
C GLY B 331 0.19 29.40 13.80
N CYS B 332 0.93 28.32 13.85
CA CYS B 332 0.47 27.08 14.49
C CYS B 332 0.94 27.10 15.96
N GLN B 333 0.02 26.89 16.89
CA GLN B 333 0.32 26.93 18.35
C GLN B 333 0.88 25.57 18.82
N GLY B 334 0.85 24.54 17.99
CA GLY B 334 1.24 23.17 18.38
C GLY B 334 0.36 22.19 17.67
N LEU B 335 0.86 20.99 17.42
CA LEU B 335 0.11 19.93 16.73
C LEU B 335 -1.10 19.55 17.56
N ASP B 336 -2.27 19.48 16.92
CA ASP B 336 -3.49 18.89 17.49
C ASP B 336 -3.55 17.44 17.04
N VAL B 337 -3.33 16.53 17.96
CA VAL B 337 -3.42 15.09 17.66
C VAL B 337 -4.84 14.59 17.72
N VAL B 338 -5.21 13.87 16.67
CA VAL B 338 -6.47 13.09 16.56
C VAL B 338 -6.08 11.69 16.96
N ASP B 339 -6.41 11.32 18.18
CA ASP B 339 -6.04 10.02 18.76
C ASP B 339 -7.08 9.02 18.29
N SER B 340 -6.73 8.30 17.22
CA SER B 340 -7.73 7.44 16.53
C SER B 340 -7.06 6.14 16.10
N ILE B 341 -7.80 5.05 16.11
CA ILE B 341 -7.33 3.75 15.56
C ILE B 341 -7.71 3.66 14.07
N TYR B 342 -8.37 4.66 13.48
CA TYR B 342 -8.98 4.47 12.14
C TYR B 342 -8.06 4.92 11.00
N GLY B 343 -6.79 5.13 11.26
CA GLY B 343 -5.85 5.47 10.18
C GLY B 343 -6.21 6.81 9.53
N HIS B 344 -5.74 6.98 8.30
CA HIS B 344 -6.02 8.22 7.52
C HIS B 344 -7.53 8.47 7.45
N ASP B 345 -8.33 7.41 7.27
CA ASP B 345 -9.80 7.56 7.13
C ASP B 345 -10.38 8.17 8.42
N GLY B 346 -9.66 8.28 9.52
CA GLY B 346 -10.09 9.08 10.67
C GLY B 346 -10.52 10.52 10.30
N PHE B 347 -10.00 11.09 9.22
CA PHE B 347 -10.34 12.48 8.84
C PHE B 347 -11.81 12.52 8.45
N LEU B 348 -12.37 11.39 7.99
CA LEU B 348 -13.81 11.23 7.66
C LEU B 348 -14.57 10.62 8.83
N VAL B 349 -14.02 9.64 9.53
CA VAL B 349 -14.86 8.89 10.52
C VAL B 349 -14.85 9.52 11.89
N GLU B 350 -13.82 10.24 12.30
CA GLU B 350 -13.78 10.80 13.68
C GLU B 350 -14.52 12.15 13.67
N THR B 351 -15.83 12.10 13.42
CA THR B 351 -16.61 13.35 13.25
C THR B 351 -16.49 14.24 14.49
N GLU B 352 -16.50 13.69 15.69
CA GLU B 352 -16.50 14.51 16.94
C GLU B 352 -15.14 15.20 17.06
N LEU B 353 -14.05 14.46 16.89
CA LEU B 353 -12.70 15.01 17.11
C LEU B 353 -12.43 16.01 15.98
N VAL B 354 -12.78 15.68 14.76
CA VAL B 354 -12.51 16.62 13.63
C VAL B 354 -13.39 17.87 13.80
N GLY B 355 -14.64 17.66 14.21
CA GLY B 355 -15.54 18.79 14.42
C GLY B 355 -14.95 19.74 15.45
N LYS B 356 -14.29 19.25 16.48
CA LYS B 356 -13.69 20.13 17.52
C LYS B 356 -12.52 20.95 16.94
N LEU B 357 -11.76 20.37 16.02
CA LEU B 357 -10.66 21.14 15.34
C LEU B 357 -11.27 22.22 14.47
N ILE B 358 -12.31 21.89 13.75
CA ILE B 358 -13.01 22.86 12.89
C ILE B 358 -13.54 23.99 13.76
N ARG B 359 -14.18 23.68 14.87
CA ARG B 359 -14.82 24.71 15.70
C ARG B 359 -13.71 25.63 16.25
N ARG B 360 -12.60 25.06 16.71
CA ARG B 360 -11.46 25.86 17.20
C ARG B 360 -10.96 26.77 16.07
N THR B 361 -10.79 26.25 14.86
CA THR B 361 -10.32 27.06 13.71
C THR B 361 -11.26 28.25 13.48
N LEU B 362 -12.57 28.01 13.55
CA LEU B 362 -13.55 29.07 13.23
C LEU B 362 -13.73 30.02 14.40
N GLU B 363 -13.57 29.56 15.63
CA GLU B 363 -13.63 30.53 16.76
C GLU B 363 -12.46 31.51 16.55
N LEU B 364 -11.29 31.00 16.19
CA LEU B 364 -10.09 31.79 15.88
C LEU B 364 -10.41 32.75 14.72
N ALA B 365 -10.96 32.26 13.61
CA ALA B 365 -11.26 33.09 12.43
C ALA B 365 -12.25 34.22 12.79
N GLN B 366 -13.25 33.95 13.63
CA GLN B 366 -14.25 34.96 14.02
C GLN B 366 -13.55 36.06 14.81
N ARG B 367 -12.67 35.72 15.72
CA ARG B 367 -11.90 36.73 16.50
C ARG B 367 -11.08 37.58 15.52
N LEU B 368 -10.44 36.97 14.53
CA LEU B 368 -9.58 37.71 13.61
C LEU B 368 -10.42 38.52 12.64
N GLU B 369 -11.54 38.00 12.19
CA GLU B 369 -12.43 38.75 11.28
C GLU B 369 -12.99 40.02 11.95
N HIS B 370 -13.18 39.99 13.27
CA HIS B 370 -13.69 41.18 14.01
C HIS B 370 -12.64 42.30 13.93
N HIS B 371 -11.38 41.92 13.76
CA HIS B 371 -10.24 42.88 13.69
C HIS B 371 -9.70 43.00 12.27
N HIS B 372 -10.45 42.57 11.25
CA HIS B 372 -9.98 42.62 9.86
C HIS B 372 -10.92 43.50 9.04
N HIS B 373 -10.41 44.58 8.49
CA HIS B 373 -11.22 45.67 7.91
C HIS B 373 -10.91 45.76 6.42
N HIS B 374 -11.93 45.64 5.58
CA HIS B 374 -11.79 45.52 4.11
C HIS B 374 -12.97 46.20 3.38
C1 GOL C . 16.49 2.68 -11.06
O1 GOL C . 17.38 2.34 -10.01
C2 GOL C . 15.57 3.85 -10.72
O2 GOL C . 14.94 4.30 -11.93
C3 GOL C . 16.19 5.05 -10.01
O3 GOL C . 15.24 6.05 -9.60
#